data_6DLD
#
_entry.id   6DLD
#
_cell.length_a   120.341
_cell.length_b   305.799
_cell.length_c   60.029
_cell.angle_alpha   90.00
_cell.angle_beta   100.78
_cell.angle_gamma   90.00
#
_symmetry.space_group_name_H-M   'C 1 2 1'
#
loop_
_entity.id
_entity.type
_entity.pdbx_description
1 polymer 'IgLON family member 5'
2 polymer 'Neuronal growth regulator 1'
3 branched alpha-D-mannopyranose-(1-3)-beta-D-mannopyranose-(1-4)-2-acetamido-2-deoxy-beta-D-glucopyranose-(1-4)-2-acetamido-2-deoxy-beta-D-glucopyranose
4 non-polymer 2-acetamido-2-deoxy-beta-D-glucopyranose
#
loop_
_entity_poly.entity_id
_entity_poly.type
_entity_poly.pdbx_seq_one_letter_code
_entity_poly.pdbx_strand_id
1 'polypeptide(L)'
;DYKDDDDKAAAQSLEFNSPADNYTVCEGDNATLSCFIDEHVTRVAWLNRSNILYAGNDRWTSDPRVRLLINTPEEFSILI
TEVGLGDEGLYTCSFQTRHQPYTTQVYLIVHVPARIVNISSPVTVNEGGNVNLLCLAVGRPEPTVTWRQLRDGFTSEGEI
LEISDIQRGQAGEYECVTHNGVNSAPDSRRVLVTVNYPPTITDVTSARTALGRAALLRCEAMAVPPADFQWYKDDRLLSS
GTAEGLKVQTERTRSMLLFANVSARHYGNYTCRAANRLGASSASMRLLRPGSLENSALEVLFQ
;
A,C
2 'polypeptide(L)'
;DYKDDDDKAAAVDFPWAAVDNMMVRKGDTAVLRCYLEDGASKGAWLNRSSIIFAGGDKWSVDPRVSISTLNKRDYSLQIQ
NVDVTDDGPYTCSVQTQHTPRTMQVHLTVQVPPKIYDISNDMTVNEGTNVTLTCLATGKPEPSISWRHISPSAKPFENGQ
YLDIYGITRDQAGEYECSAENDVSFPDVRKVKVVVNFAPTIQEIKSGTVTPGRSGLIRCEGAGVPPPAFEWYKGEKKLFN
GQQGIIIQNFSTRSILTVTNVTQEHFGNYTCVAANKLGTTNASLPLNPPSTAQYGITGLEVLFQ
;
B,D
#
# COMPACT_ATOMS: atom_id res chain seq x y z
N ASN A 17 3.90 13.60 3.73
CA ASN A 17 2.53 13.46 4.21
C ASN A 17 2.52 12.85 5.61
N SER A 18 3.12 11.67 5.74
CA SER A 18 3.27 11.04 7.05
C SER A 18 4.66 11.30 7.61
N PRO A 19 4.78 11.59 8.90
CA PRO A 19 6.11 11.90 9.47
C PRO A 19 7.01 10.68 9.61
N ALA A 20 7.09 9.86 8.57
CA ALA A 20 7.94 8.68 8.52
C ALA A 20 8.85 8.82 7.31
N ASP A 21 9.96 9.54 7.48
CA ASP A 21 10.87 9.78 6.38
C ASP A 21 11.78 8.58 6.16
N ASN A 22 12.12 8.33 4.90
CA ASN A 22 13.01 7.24 4.52
C ASN A 22 14.44 7.76 4.44
N TYR A 23 15.36 7.09 5.13
CA TYR A 23 16.78 7.46 5.16
C TYR A 23 17.58 6.18 4.90
N THR A 24 17.90 5.94 3.64
CA THR A 24 18.57 4.72 3.23
C THR A 24 20.07 4.92 3.19
N VAL A 25 20.81 3.98 3.77
CA VAL A 25 22.26 3.98 3.77
C VAL A 25 22.76 2.65 3.26
N CYS A 26 23.93 2.65 2.62
CA CYS A 26 24.53 1.42 2.18
C CYS A 26 25.05 0.63 3.37
N GLU A 27 24.99 -0.70 3.26
CA GLU A 27 25.43 -1.57 4.35
C GLU A 27 26.92 -1.36 4.61
N GLY A 28 27.27 -1.25 5.90
CA GLY A 28 28.63 -0.99 6.29
C GLY A 28 28.99 0.48 6.44
N ASP A 29 28.16 1.38 5.93
CA ASP A 29 28.41 2.81 6.06
C ASP A 29 28.07 3.28 7.46
N ASN A 30 28.19 4.59 7.68
CA ASN A 30 27.81 5.23 8.93
C ASN A 30 26.54 6.04 8.70
N ALA A 31 25.56 5.86 9.58
CA ALA A 31 24.30 6.59 9.50
C ALA A 31 24.25 7.60 10.64
N THR A 32 24.14 8.88 10.28
CA THR A 32 24.03 9.96 11.25
C THR A 32 22.58 10.46 11.26
N LEU A 33 22.01 10.59 12.45
CA LEU A 33 20.63 11.00 12.65
C LEU A 33 20.63 12.35 13.35
N SER A 34 20.21 13.39 12.65
CA SER A 34 20.21 14.74 13.19
C SER A 34 18.78 15.15 13.55
N CYS A 35 18.59 15.62 14.78
CA CYS A 35 17.30 16.08 15.27
C CYS A 35 17.44 17.57 15.59
N PHE A 36 16.76 18.41 14.82
CA PHE A 36 16.88 19.85 14.95
C PHE A 36 15.74 20.40 15.79
N ILE A 37 16.08 21.17 16.82
CA ILE A 37 15.12 21.68 17.80
C ILE A 37 15.37 23.16 18.03
N ASP A 38 14.37 23.82 18.62
CA ASP A 38 14.49 25.22 18.99
C ASP A 38 15.14 25.32 20.36
N GLU A 39 15.11 26.51 20.97
CA GLU A 39 15.82 26.73 22.21
C GLU A 39 15.03 26.21 23.42
N HIS A 40 13.71 26.36 23.41
CA HIS A 40 12.88 26.01 24.56
C HIS A 40 12.50 24.53 24.52
N VAL A 41 13.51 23.66 24.60
CA VAL A 41 13.29 22.21 24.64
C VAL A 41 13.90 21.70 25.94
N THR A 42 13.06 21.10 26.79
CA THR A 42 13.51 20.62 28.09
C THR A 42 14.31 19.33 27.96
N ARG A 43 13.73 18.31 27.34
CA ARG A 43 14.38 17.02 27.16
C ARG A 43 14.41 16.67 25.67
N VAL A 44 15.26 15.70 25.34
CA VAL A 44 15.39 15.21 23.96
C VAL A 44 16.07 13.85 24.01
N ALA A 45 15.75 12.98 23.05
CA ALA A 45 16.34 11.66 23.00
C ALA A 45 16.11 11.03 21.63
N TRP A 46 17.05 10.17 21.24
CA TRP A 46 16.92 9.34 20.04
C TRP A 46 16.58 7.91 20.46
N LEU A 47 15.69 7.27 19.71
CA LEU A 47 15.16 5.96 20.06
C LEU A 47 15.24 5.01 18.87
N ASN A 48 15.78 3.82 19.11
CA ASN A 48 15.68 2.72 18.18
C ASN A 48 14.39 1.96 18.48
N ARG A 49 13.47 1.96 17.52
CA ARG A 49 12.12 1.44 17.72
C ARG A 49 11.52 2.10 18.96
N SER A 50 11.28 1.34 20.03
CA SER A 50 10.81 1.88 21.29
C SER A 50 11.86 1.81 22.39
N ASN A 51 13.12 1.58 22.03
CA ASN A 51 14.22 1.51 22.97
C ASN A 51 15.09 2.76 22.84
N ILE A 52 15.39 3.38 23.98
CA ILE A 52 16.17 4.61 23.97
C ILE A 52 17.63 4.29 23.68
N LEU A 53 18.25 5.10 22.83
CA LEU A 53 19.68 5.02 22.57
C LEU A 53 20.45 6.03 23.42
N TYR A 54 20.12 7.31 23.28
CA TYR A 54 20.76 8.38 24.02
C TYR A 54 19.69 9.34 24.54
N ALA A 55 19.70 9.60 25.84
CA ALA A 55 18.82 10.58 26.47
C ALA A 55 19.68 11.76 26.89
N GLY A 56 19.74 12.80 26.06
CA GLY A 56 20.66 13.88 26.27
C GLY A 56 22.10 13.41 26.21
N ASN A 57 22.84 13.59 27.30
CA ASN A 57 24.19 13.06 27.40
C ASN A 57 24.24 11.68 28.03
N ASP A 58 23.09 11.13 28.42
CA ASP A 58 23.04 9.82 29.08
C ASP A 58 22.92 8.72 28.03
N ARG A 59 23.88 7.81 28.02
CA ARG A 59 23.85 6.68 27.11
C ARG A 59 23.01 5.55 27.72
N TRP A 60 21.93 5.17 27.02
CA TRP A 60 21.07 4.06 27.44
C TRP A 60 21.43 2.76 26.76
N THR A 61 21.85 2.80 25.50
CA THR A 61 22.16 1.59 24.76
C THR A 61 23.54 1.06 25.10
N SER A 62 23.67 -0.26 25.10
CA SER A 62 24.95 -0.91 25.34
C SER A 62 25.73 -1.15 24.06
N ASP A 63 25.19 -0.74 22.92
CA ASP A 63 25.85 -0.97 21.63
C ASP A 63 26.93 0.08 21.41
N PRO A 64 28.21 -0.29 21.35
CA PRO A 64 29.26 0.71 21.13
C PRO A 64 29.21 1.37 19.76
N ARG A 65 28.41 0.85 18.82
CA ARG A 65 28.32 1.44 17.50
C ARG A 65 27.51 2.73 17.49
N VAL A 66 26.79 3.04 18.56
CA VAL A 66 26.00 4.26 18.65
C VAL A 66 26.81 5.30 19.41
N ARG A 67 27.09 6.42 18.77
CA ARG A 67 27.90 7.49 19.34
C ARG A 67 27.14 8.81 19.29
N LEU A 68 27.42 9.67 20.26
CA LEU A 68 26.78 10.98 20.34
C LEU A 68 27.67 12.03 19.70
N LEU A 69 27.12 12.76 18.73
CA LEU A 69 27.88 13.74 17.97
C LEU A 69 27.62 15.17 18.43
N ILE A 70 26.36 15.59 18.44
CA ILE A 70 25.99 16.97 18.72
C ILE A 70 24.87 16.99 19.75
N ASN A 71 25.05 17.82 20.78
CA ASN A 71 24.01 18.05 21.79
C ASN A 71 23.72 19.54 21.97
N THR A 72 24.01 20.35 20.95
CA THR A 72 23.71 21.77 20.99
C THR A 72 22.22 21.97 21.26
N PRO A 73 21.83 23.00 22.04
CA PRO A 73 20.40 23.26 22.27
C PRO A 73 19.62 23.58 21.01
N GLU A 74 20.28 23.49 19.84
CA GLU A 74 19.62 23.67 18.56
C GLU A 74 19.52 22.40 17.73
N GLU A 75 20.36 21.39 18.01
CA GLU A 75 20.25 20.13 17.31
C GLU A 75 20.88 19.02 18.15
N PHE A 76 20.28 17.83 18.06
CA PHE A 76 20.70 16.66 18.83
C PHE A 76 20.91 15.51 17.84
N SER A 77 22.17 15.14 17.63
CA SER A 77 22.51 14.19 16.58
C SER A 77 23.39 13.06 17.11
N ILE A 78 23.13 11.84 16.64
CA ILE A 78 23.90 10.66 17.01
C ILE A 78 24.41 9.99 15.74
N LEU A 79 25.31 9.03 15.94
CA LEU A 79 25.95 8.32 14.84
C LEU A 79 25.85 6.82 15.06
N ILE A 80 25.65 6.08 13.97
CA ILE A 80 25.63 4.62 13.99
C ILE A 80 26.74 4.14 13.08
N THR A 81 27.71 3.43 13.65
CA THR A 81 28.85 2.91 12.90
C THR A 81 28.60 1.46 12.51
N GLU A 82 29.02 1.10 11.31
CA GLU A 82 28.81 -0.22 10.74
C GLU A 82 27.31 -0.60 10.78
N VAL A 83 26.55 0.11 9.96
CA VAL A 83 25.12 -0.14 9.86
C VAL A 83 24.89 -1.51 9.25
N GLY A 84 24.04 -2.31 9.92
CA GLY A 84 23.73 -3.65 9.47
C GLY A 84 22.24 -3.80 9.19
N LEU A 85 21.89 -4.95 8.60
CA LEU A 85 20.50 -5.22 8.27
C LEU A 85 19.61 -5.19 9.50
N GLY A 86 20.14 -5.61 10.65
CA GLY A 86 19.35 -5.59 11.88
C GLY A 86 19.03 -4.19 12.35
N ASP A 87 19.84 -3.21 11.96
CA ASP A 87 19.61 -1.83 12.37
C ASP A 87 18.41 -1.20 11.67
N GLU A 88 17.85 -1.85 10.65
CA GLU A 88 16.70 -1.29 9.96
C GLU A 88 15.50 -1.21 10.89
N GLY A 89 14.88 -0.04 10.94
CA GLY A 89 13.75 0.17 11.82
C GLY A 89 13.37 1.64 11.86
N LEU A 90 12.34 1.92 12.64
CA LEU A 90 11.82 3.28 12.77
C LEU A 90 12.52 3.97 13.94
N TYR A 91 13.35 4.94 13.63
CA TYR A 91 14.06 5.73 14.64
C TYR A 91 13.32 7.04 14.86
N THR A 92 12.98 7.33 16.12
CA THR A 92 12.23 8.52 16.47
C THR A 92 13.08 9.42 17.36
N CYS A 93 12.86 10.72 17.23
CA CYS A 93 13.47 11.72 18.11
C CYS A 93 12.34 12.37 18.92
N SER A 94 12.15 11.90 20.14
CA SER A 94 11.15 12.48 21.03
C SER A 94 11.79 13.56 21.90
N PHE A 95 11.18 14.74 21.90
CA PHE A 95 11.66 15.84 22.71
C PHE A 95 10.48 16.61 23.28
N GLN A 96 10.73 17.32 24.37
CA GLN A 96 9.69 17.95 25.17
C GLN A 96 9.91 19.45 25.26
N THR A 97 8.82 20.21 25.11
CA THR A 97 8.82 21.61 25.47
C THR A 97 8.08 21.77 26.80
N ARG A 98 7.92 23.03 27.23
CA ARG A 98 7.20 23.30 28.47
C ARG A 98 5.73 22.92 28.36
N HIS A 99 5.18 22.93 27.14
CA HIS A 99 3.75 22.77 26.94
C HIS A 99 3.35 21.42 26.33
N GLN A 100 4.05 20.94 25.31
CA GLN A 100 3.63 19.76 24.59
C GLN A 100 4.82 18.93 24.16
N PRO A 101 4.63 17.62 24.00
CA PRO A 101 5.72 16.76 23.50
C PRO A 101 5.82 16.83 21.98
N TYR A 102 6.91 16.25 21.47
CA TYR A 102 7.18 16.23 20.04
C TYR A 102 7.90 14.94 19.68
N THR A 103 7.67 14.49 18.44
CA THR A 103 8.39 13.35 17.86
C THR A 103 8.64 13.63 16.39
N THR A 104 9.89 13.46 15.96
CA THR A 104 10.26 13.45 14.55
C THR A 104 10.88 12.09 14.25
N GLN A 105 10.26 11.35 13.32
CA GLN A 105 10.61 9.96 13.09
C GLN A 105 11.39 9.81 11.79
N VAL A 106 12.27 8.79 11.77
CA VAL A 106 13.07 8.45 10.61
C VAL A 106 13.12 6.93 10.49
N TYR A 107 13.03 6.43 9.26
CA TYR A 107 13.04 4.99 8.99
C TYR A 107 14.36 4.63 8.32
N LEU A 108 15.20 3.90 9.04
CA LEU A 108 16.49 3.47 8.52
C LEU A 108 16.31 2.29 7.59
N ILE A 109 16.77 2.42 6.36
CA ILE A 109 16.64 1.39 5.33
C ILE A 109 18.04 0.97 4.90
N VAL A 110 18.35 -0.31 5.04
CA VAL A 110 19.68 -0.83 4.69
C VAL A 110 19.62 -1.37 3.27
N HIS A 111 20.61 -1.00 2.46
CA HIS A 111 20.69 -1.43 1.06
C HIS A 111 21.80 -2.46 0.90
N VAL A 112 21.50 -3.54 0.19
CA VAL A 112 22.46 -4.58 -0.13
C VAL A 112 22.49 -4.73 -1.65
N PRO A 113 23.66 -4.69 -2.29
CA PRO A 113 23.71 -4.80 -3.75
C PRO A 113 23.26 -6.18 -4.22
N ALA A 114 22.66 -6.21 -5.39
CA ALA A 114 22.04 -7.41 -5.90
C ALA A 114 23.09 -8.38 -6.44
N ARG A 115 22.86 -9.66 -6.22
CA ARG A 115 23.76 -10.69 -6.72
C ARG A 115 22.97 -11.98 -6.94
N ILE A 116 23.27 -12.65 -8.04
CA ILE A 116 22.64 -13.94 -8.31
C ILE A 116 23.23 -14.99 -7.39
N VAL A 117 22.35 -15.76 -6.75
CA VAL A 117 22.79 -16.81 -5.84
C VAL A 117 22.48 -18.20 -6.37
N ASN A 118 21.47 -18.35 -7.22
CA ASN A 118 21.18 -19.63 -7.87
C ASN A 118 20.81 -19.37 -9.32
N ILE A 119 21.37 -20.19 -10.21
CA ILE A 119 21.03 -20.17 -11.62
C ILE A 119 21.10 -21.60 -12.14
N SER A 120 20.32 -21.88 -13.18
CA SER A 120 20.24 -23.23 -13.70
C SER A 120 21.57 -23.67 -14.30
N SER A 121 21.79 -24.98 -14.30
CA SER A 121 22.95 -25.56 -14.95
C SER A 121 22.71 -25.65 -16.45
N PRO A 122 23.77 -25.77 -17.25
CA PRO A 122 23.59 -25.91 -18.71
C PRO A 122 22.75 -27.13 -19.04
N VAL A 123 21.58 -26.89 -19.63
CA VAL A 123 20.58 -27.92 -19.85
C VAL A 123 20.60 -28.35 -21.31
N THR A 124 20.35 -29.64 -21.54
CA THR A 124 20.17 -30.20 -22.87
C THR A 124 18.80 -30.85 -22.95
N VAL A 125 18.10 -30.61 -24.06
CA VAL A 125 16.76 -31.13 -24.27
C VAL A 125 16.62 -31.58 -25.73
N ASN A 126 15.65 -32.45 -25.97
CA ASN A 126 15.32 -32.85 -27.33
C ASN A 126 14.37 -31.83 -27.94
N GLU A 127 14.50 -31.63 -29.25
CA GLU A 127 13.72 -30.61 -29.94
C GLU A 127 12.24 -30.84 -29.74
N GLY A 128 11.51 -29.77 -29.43
CA GLY A 128 10.10 -29.85 -29.12
C GLY A 128 9.78 -30.06 -27.66
N GLY A 129 10.78 -30.26 -26.82
CA GLY A 129 10.54 -30.43 -25.40
C GLY A 129 10.21 -29.11 -24.72
N ASN A 130 10.18 -29.17 -23.39
CA ASN A 130 9.88 -28.02 -22.56
C ASN A 130 11.04 -27.78 -21.60
N VAL A 131 11.47 -26.52 -21.50
CA VAL A 131 12.60 -26.13 -20.67
C VAL A 131 12.16 -25.03 -19.72
N ASN A 132 12.59 -25.14 -18.46
CA ASN A 132 12.38 -24.11 -17.45
C ASN A 132 13.73 -23.70 -16.88
N LEU A 133 13.99 -22.39 -16.88
CA LEU A 133 15.25 -21.84 -16.38
C LEU A 133 14.96 -20.91 -15.22
N LEU A 134 15.67 -21.10 -14.11
CA LEU A 134 15.46 -20.30 -12.90
C LEU A 134 16.72 -19.48 -12.61
N CYS A 135 16.51 -18.26 -12.13
CA CYS A 135 17.61 -17.36 -11.74
C CYS A 135 17.21 -16.71 -10.42
N LEU A 136 17.80 -17.21 -9.32
CA LEU A 136 17.47 -16.74 -7.98
C LEU A 136 18.55 -15.78 -7.50
N ALA A 137 18.12 -14.59 -7.07
CA ALA A 137 19.02 -13.56 -6.58
C ALA A 137 18.50 -13.01 -5.27
N VAL A 138 19.42 -12.62 -4.39
CA VAL A 138 19.07 -12.00 -3.12
C VAL A 138 19.57 -10.56 -3.13
N GLY A 139 18.85 -9.70 -2.41
CA GLY A 139 19.21 -8.30 -2.35
C GLY A 139 18.11 -7.44 -1.76
N ARG A 140 18.50 -6.35 -1.11
CA ARG A 140 17.55 -5.43 -0.50
C ARG A 140 17.83 -4.02 -1.04
N PRO A 141 16.85 -3.36 -1.67
CA PRO A 141 15.48 -3.82 -1.87
C PRO A 141 15.38 -5.02 -2.83
N GLU A 142 14.19 -5.63 -2.89
CA GLU A 142 13.97 -6.83 -3.67
C GLU A 142 14.48 -6.66 -5.10
N PRO A 143 15.40 -7.49 -5.55
CA PRO A 143 16.01 -7.30 -6.86
C PRO A 143 15.08 -7.73 -7.99
N THR A 144 15.24 -7.07 -9.14
CA THR A 144 14.46 -7.38 -10.32
C THR A 144 15.24 -8.35 -11.20
N VAL A 145 14.69 -9.53 -11.42
CA VAL A 145 15.35 -10.57 -12.21
C VAL A 145 14.91 -10.46 -13.65
N THR A 146 15.87 -10.61 -14.58
CA THR A 146 15.61 -10.45 -16.00
C THR A 146 16.33 -11.56 -16.78
N TRP A 147 15.58 -12.26 -17.61
CA TRP A 147 16.14 -13.27 -18.50
C TRP A 147 16.31 -12.70 -19.90
N ARG A 148 17.40 -13.10 -20.57
CA ARG A 148 17.71 -12.59 -21.90
C ARG A 148 18.26 -13.72 -22.76
N GLN A 149 17.98 -13.64 -24.06
CA GLN A 149 18.51 -14.59 -25.03
C GLN A 149 19.63 -13.90 -25.81
N LEU A 150 20.82 -14.51 -25.80
CA LEU A 150 22.00 -13.85 -26.35
C LEU A 150 22.01 -13.84 -27.88
N ARG A 151 21.50 -14.88 -28.52
CA ARG A 151 21.51 -14.93 -29.98
C ARG A 151 20.43 -14.02 -30.58
N ASP A 152 19.23 -14.08 -30.04
CA ASP A 152 18.10 -13.29 -30.53
C ASP A 152 17.55 -12.49 -29.36
N GLY A 153 17.50 -11.16 -29.52
CA GLY A 153 17.03 -10.27 -28.49
C GLY A 153 15.67 -10.65 -27.92
N PHE A 154 15.66 -11.06 -26.65
CA PHE A 154 14.44 -11.42 -25.96
C PHE A 154 14.62 -11.16 -24.47
N THR A 155 13.59 -10.62 -23.83
CA THR A 155 13.65 -10.31 -22.42
C THR A 155 12.35 -10.73 -21.73
N SER A 156 12.47 -11.31 -20.55
CA SER A 156 11.31 -11.71 -19.75
C SER A 156 11.56 -11.31 -18.31
N GLU A 157 10.71 -10.42 -17.80
CA GLU A 157 10.83 -9.96 -16.41
C GLU A 157 10.23 -11.03 -15.50
N GLY A 158 11.08 -11.98 -15.11
CA GLY A 158 10.66 -13.04 -14.23
C GLY A 158 11.81 -13.85 -13.67
N GLU A 159 11.66 -14.37 -12.45
CA GLU A 159 12.71 -15.18 -11.85
C GLU A 159 12.91 -16.49 -12.60
N ILE A 160 11.83 -17.04 -13.17
CA ILE A 160 11.90 -18.29 -13.91
C ILE A 160 11.54 -18.01 -15.36
N LEU A 161 12.16 -18.77 -16.27
CA LEU A 161 11.90 -18.66 -17.70
C LEU A 161 11.57 -20.04 -18.23
N GLU A 162 10.39 -20.18 -18.84
CA GLU A 162 9.94 -21.45 -19.40
C GLU A 162 9.85 -21.35 -20.91
N ILE A 163 10.44 -22.31 -21.60
CA ILE A 163 10.44 -22.37 -23.06
C ILE A 163 9.65 -23.60 -23.48
N SER A 164 8.59 -23.39 -24.25
CA SER A 164 7.72 -24.46 -24.69
C SER A 164 8.00 -24.80 -26.15
N ASP A 165 8.09 -26.10 -26.45
CA ASP A 165 8.37 -26.60 -27.80
C ASP A 165 9.61 -25.92 -28.37
N ILE A 166 10.71 -26.00 -27.61
CA ILE A 166 11.94 -25.32 -28.01
C ILE A 166 12.44 -25.92 -29.32
N GLN A 167 12.94 -25.04 -30.20
CA GLN A 167 13.35 -25.42 -31.54
C GLN A 167 14.86 -25.23 -31.70
N ARG A 168 15.34 -25.53 -32.90
CA ARG A 168 16.77 -25.44 -33.17
C ARG A 168 17.28 -24.02 -33.03
N GLY A 169 16.54 -23.04 -33.54
CA GLY A 169 16.96 -21.65 -33.51
C GLY A 169 16.88 -21.00 -32.14
N GLN A 170 16.27 -21.66 -31.16
CA GLN A 170 16.14 -21.10 -29.81
C GLN A 170 17.28 -21.53 -28.90
N ALA A 171 18.06 -22.54 -29.28
CA ALA A 171 19.20 -22.95 -28.47
C ALA A 171 20.29 -21.90 -28.51
N GLY A 172 21.03 -21.81 -27.42
CA GLY A 172 22.10 -20.83 -27.29
C GLY A 172 22.26 -20.40 -25.85
N GLU A 173 22.97 -19.29 -25.67
CA GLU A 173 23.23 -18.78 -24.33
C GLU A 173 22.06 -17.91 -23.85
N TYR A 174 21.60 -18.17 -22.64
CA TYR A 174 20.53 -17.40 -22.01
C TYR A 174 21.12 -16.67 -20.80
N GLU A 175 21.25 -15.36 -20.93
CA GLU A 175 21.85 -14.54 -19.88
C GLU A 175 20.77 -14.08 -18.90
N CYS A 176 21.09 -14.16 -17.62
CA CYS A 176 20.26 -13.61 -16.55
C CYS A 176 20.93 -12.39 -15.95
N VAL A 177 20.16 -11.34 -15.70
CA VAL A 177 20.68 -10.12 -15.10
C VAL A 177 19.70 -9.65 -14.03
N THR A 178 20.24 -9.14 -12.93
CA THR A 178 19.43 -8.61 -11.84
C THR A 178 20.04 -7.33 -11.33
N HIS A 179 19.21 -6.31 -11.11
CA HIS A 179 19.70 -5.08 -10.52
C HIS A 179 18.69 -4.59 -9.49
N ASN A 180 19.20 -3.98 -8.43
CA ASN A 180 18.32 -3.38 -7.43
C ASN A 180 18.31 -1.86 -7.52
N GLY A 181 18.76 -1.29 -8.63
CA GLY A 181 18.78 0.15 -8.77
C GLY A 181 19.93 0.84 -8.07
N VAL A 182 20.78 0.11 -7.35
CA VAL A 182 21.92 0.69 -6.65
C VAL A 182 22.97 1.10 -7.67
N ASN A 183 23.97 1.88 -7.21
CA ASN A 183 25.07 2.25 -8.11
C ASN A 183 25.88 1.03 -8.54
N SER A 184 25.89 -0.02 -7.73
CA SER A 184 26.69 -1.20 -8.01
C SER A 184 26.17 -1.95 -9.24
N ALA A 185 27.05 -2.75 -9.84
CA ALA A 185 26.79 -3.37 -11.13
C ALA A 185 25.78 -4.50 -10.98
N PRO A 186 25.10 -4.87 -12.07
CA PRO A 186 23.99 -5.84 -11.95
C PRO A 186 24.42 -7.29 -11.75
N ASP A 187 25.69 -7.65 -11.97
CA ASP A 187 26.17 -9.02 -11.74
C ASP A 187 25.30 -10.03 -12.50
N SER A 188 25.42 -9.96 -13.82
CA SER A 188 24.68 -10.87 -14.69
C SER A 188 25.46 -12.17 -14.88
N ARG A 189 24.72 -13.25 -15.17
CA ARG A 189 25.31 -14.55 -15.43
C ARG A 189 24.60 -15.20 -16.61
N ARG A 190 25.30 -16.12 -17.27
CA ARG A 190 24.84 -16.72 -18.51
C ARG A 190 24.75 -18.23 -18.36
N VAL A 191 23.77 -18.83 -19.05
CA VAL A 191 23.59 -20.27 -19.11
C VAL A 191 23.37 -20.68 -20.56
N LEU A 192 23.95 -21.81 -20.95
CA LEU A 192 23.87 -22.31 -22.32
C LEU A 192 22.78 -23.38 -22.42
N VAL A 193 21.92 -23.25 -23.43
CA VAL A 193 20.87 -24.22 -23.71
C VAL A 193 21.16 -24.82 -25.08
N THR A 194 21.32 -26.15 -25.13
CA THR A 194 21.60 -26.86 -26.36
C THR A 194 20.48 -27.88 -26.60
N VAL A 195 19.75 -27.70 -27.69
CA VAL A 195 18.67 -28.61 -28.04
C VAL A 195 19.24 -29.72 -28.90
N ASN A 196 18.63 -30.90 -28.82
CA ASN A 196 19.03 -32.06 -29.60
C ASN A 196 17.91 -32.43 -30.57
N TYR A 197 18.29 -32.73 -31.81
CA TYR A 197 17.34 -33.17 -32.82
C TYR A 197 17.96 -34.29 -33.64
N PRO A 198 17.15 -35.24 -34.10
CA PRO A 198 17.67 -36.34 -34.91
C PRO A 198 18.07 -35.84 -36.29
N PRO A 199 18.94 -36.57 -37.00
CA PRO A 199 19.37 -36.11 -38.32
C PRO A 199 18.26 -36.27 -39.36
N THR A 200 18.13 -35.24 -40.20
CA THR A 200 17.23 -35.28 -41.36
C THR A 200 18.07 -35.02 -42.59
N ILE A 201 18.11 -35.99 -43.50
CA ILE A 201 18.97 -35.89 -44.69
C ILE A 201 18.41 -34.80 -45.59
N THR A 202 19.17 -33.71 -45.76
CA THR A 202 18.72 -32.56 -46.53
C THR A 202 19.12 -32.64 -47.99
N ASP A 203 20.35 -33.08 -48.28
CA ASP A 203 20.91 -33.05 -49.62
C ASP A 203 21.61 -34.36 -49.91
N VAL A 204 21.38 -34.88 -51.12
CA VAL A 204 21.98 -36.13 -51.57
C VAL A 204 22.41 -35.98 -53.02
N THR A 205 23.65 -36.34 -53.32
CA THR A 205 24.17 -36.23 -54.68
C THR A 205 24.67 -37.59 -55.17
N SER A 206 24.35 -37.90 -56.41
CA SER A 206 24.82 -39.08 -57.10
C SER A 206 25.58 -38.65 -58.35
N ALA A 207 26.55 -39.47 -58.76
CA ALA A 207 27.43 -39.13 -59.87
C ALA A 207 27.28 -40.14 -60.99
N ARG A 208 27.16 -39.64 -62.22
CA ARG A 208 27.15 -40.45 -63.43
C ARG A 208 28.38 -40.03 -64.24
N THR A 209 29.52 -40.64 -63.95
CA THR A 209 30.79 -40.24 -64.52
C THR A 209 31.35 -41.36 -65.40
N ALA A 210 32.18 -40.97 -66.36
CA ALA A 210 32.77 -41.92 -67.29
C ALA A 210 33.99 -42.58 -66.66
N LEU A 211 34.47 -43.64 -67.32
CA LEU A 211 35.64 -44.35 -66.85
C LEU A 211 36.89 -43.48 -67.02
N GLY A 212 37.79 -43.55 -66.04
CA GLY A 212 39.00 -42.75 -66.03
C GLY A 212 38.91 -41.44 -65.29
N ARG A 213 37.72 -41.03 -64.88
CA ARG A 213 37.52 -39.76 -64.21
C ARG A 213 37.07 -39.97 -62.77
N ALA A 214 37.34 -38.98 -61.93
CA ALA A 214 37.00 -39.06 -60.52
C ALA A 214 35.56 -38.63 -60.28
N ALA A 215 34.95 -39.21 -59.25
CA ALA A 215 33.58 -38.90 -58.87
C ALA A 215 33.47 -38.95 -57.35
N LEU A 216 32.35 -38.44 -56.84
CA LEU A 216 32.12 -38.43 -55.41
C LEU A 216 30.62 -38.48 -55.12
N LEU A 217 30.28 -39.15 -54.02
CA LEU A 217 28.94 -39.14 -53.46
C LEU A 217 28.97 -38.45 -52.11
N ARG A 218 27.84 -37.84 -51.72
CA ARG A 218 27.78 -37.16 -50.43
C ARG A 218 26.36 -37.19 -49.90
N CYS A 219 26.25 -37.01 -48.59
CA CYS A 219 24.97 -36.86 -47.91
C CYS A 219 25.07 -35.69 -46.94
N GLU A 220 23.94 -35.04 -46.70
CA GLU A 220 23.88 -33.88 -45.81
C GLU A 220 22.76 -34.08 -44.80
N ALA A 221 23.13 -34.38 -43.56
CA ALA A 221 22.17 -34.54 -42.47
C ALA A 221 22.74 -33.89 -41.22
N MET A 222 22.08 -32.85 -40.74
CA MET A 222 22.52 -32.14 -39.56
C MET A 222 21.85 -32.70 -38.32
N ALA A 223 22.64 -32.91 -37.26
CA ALA A 223 22.12 -33.50 -36.04
C ALA A 223 22.95 -33.04 -34.85
N VAL A 224 22.33 -33.09 -33.68
CA VAL A 224 22.98 -32.77 -32.41
C VAL A 224 22.55 -33.79 -31.38
N PRO A 225 23.46 -34.60 -30.81
CA PRO A 225 24.89 -34.66 -31.13
C PRO A 225 25.14 -35.07 -32.58
N PRO A 226 26.30 -34.71 -33.14
CA PRO A 226 26.54 -34.94 -34.56
C PRO A 226 26.32 -36.40 -34.94
N ALA A 227 25.57 -36.59 -36.02
CA ALA A 227 25.21 -37.94 -36.43
C ALA A 227 26.43 -38.68 -36.97
N ASP A 228 26.55 -39.95 -36.59
CA ASP A 228 27.58 -40.82 -37.12
C ASP A 228 27.13 -41.31 -38.49
N PHE A 229 27.80 -40.84 -39.53
CA PHE A 229 27.41 -41.17 -40.89
C PHE A 229 28.00 -42.51 -41.31
N GLN A 230 27.16 -43.34 -41.94
CA GLN A 230 27.57 -44.64 -42.45
C GLN A 230 27.32 -44.72 -43.95
N TRP A 231 28.27 -45.32 -44.67
CA TRP A 231 28.13 -45.54 -46.10
C TRP A 231 28.01 -47.03 -46.38
N TYR A 232 27.23 -47.35 -47.42
CA TYR A 232 27.00 -48.74 -47.81
C TYR A 232 27.11 -48.85 -49.33
N LYS A 233 27.98 -49.75 -49.78
CA LYS A 233 28.09 -50.08 -51.21
C LYS A 233 27.36 -51.40 -51.42
N ASP A 234 26.17 -51.33 -52.02
CA ASP A 234 25.29 -52.49 -52.21
C ASP A 234 25.02 -53.08 -50.83
N ASP A 235 25.40 -54.33 -50.56
CA ASP A 235 25.18 -54.92 -49.24
C ASP A 235 26.27 -54.48 -48.26
N ARG A 236 27.52 -54.53 -48.69
CA ARG A 236 28.63 -54.25 -47.79
C ARG A 236 28.66 -52.77 -47.42
N LEU A 237 29.46 -52.47 -46.41
CA LEU A 237 29.74 -51.10 -45.99
C LEU A 237 31.22 -50.80 -46.25
N LEU A 238 31.52 -49.52 -46.44
CA LEU A 238 32.89 -49.09 -46.72
C LEU A 238 33.61 -48.76 -45.41
N SER A 239 34.90 -49.08 -45.37
CA SER A 239 35.73 -48.86 -44.19
C SER A 239 36.77 -47.77 -44.40
N SER A 240 36.70 -47.04 -45.52
CA SER A 240 37.63 -45.96 -45.82
C SER A 240 39.07 -46.46 -45.88
N GLY A 241 39.27 -47.62 -46.47
CA GLY A 241 40.59 -48.20 -46.64
C GLY A 241 41.09 -48.06 -48.05
N THR A 242 42.42 -48.04 -48.20
CA THR A 242 43.03 -47.92 -49.52
C THR A 242 42.67 -49.09 -50.42
N ALA A 243 42.34 -50.24 -49.83
CA ALA A 243 41.82 -51.34 -50.63
C ALA A 243 40.50 -50.94 -51.26
N GLU A 244 40.30 -51.36 -52.50
CA GLU A 244 39.18 -50.96 -53.37
C GLU A 244 39.23 -49.48 -53.75
N GLY A 245 40.30 -48.78 -53.38
CA GLY A 245 40.50 -47.40 -53.81
C GLY A 245 39.39 -46.44 -53.43
N LEU A 246 38.89 -46.54 -52.21
CA LEU A 246 37.80 -45.68 -51.74
C LEU A 246 38.21 -45.00 -50.44
N LYS A 247 37.68 -43.80 -50.24
CA LYS A 247 37.94 -43.02 -49.03
C LYS A 247 36.72 -42.16 -48.73
N VAL A 248 36.20 -42.28 -47.52
CA VAL A 248 35.06 -41.49 -47.07
C VAL A 248 35.56 -40.44 -46.09
N GLN A 249 35.08 -39.21 -46.26
CA GLN A 249 35.41 -38.11 -45.37
C GLN A 249 34.13 -37.67 -44.67
N THR A 250 34.11 -37.83 -43.35
CA THR A 250 32.93 -37.51 -42.54
C THR A 250 33.14 -36.16 -41.87
N GLU A 251 32.11 -35.31 -41.92
CA GLU A 251 32.12 -34.00 -41.30
C GLU A 251 30.96 -33.89 -40.32
N ARG A 252 30.85 -32.72 -39.68
CA ARG A 252 29.80 -32.51 -38.68
C ARG A 252 28.42 -32.58 -39.31
N THR A 253 28.28 -32.08 -40.54
CA THR A 253 26.99 -32.04 -41.22
C THR A 253 26.97 -32.85 -42.51
N ARG A 254 28.09 -33.41 -42.94
CA ARG A 254 28.17 -34.12 -44.21
C ARG A 254 29.06 -35.33 -44.08
N SER A 255 29.05 -36.16 -45.11
CA SER A 255 30.01 -37.25 -45.26
C SER A 255 30.16 -37.53 -46.75
N MET A 256 31.30 -37.15 -47.31
CA MET A 256 31.55 -37.32 -48.73
C MET A 256 32.16 -38.70 -48.98
N LEU A 257 31.59 -39.44 -49.92
CA LEU A 257 32.14 -40.70 -50.39
C LEU A 257 32.92 -40.41 -51.67
N LEU A 258 34.25 -40.47 -51.59
CA LEU A 258 35.13 -40.03 -52.66
C LEU A 258 35.65 -41.22 -53.45
N PHE A 259 35.63 -41.09 -54.78
CA PHE A 259 36.14 -42.11 -55.69
C PHE A 259 37.25 -41.51 -56.54
N ALA A 260 38.49 -41.89 -56.25
CA ALA A 260 39.63 -41.46 -57.04
C ALA A 260 39.83 -42.42 -58.21
N ASN A 261 40.04 -41.87 -59.39
CA ASN A 261 40.13 -42.66 -60.64
C ASN A 261 38.81 -43.42 -60.78
N VAL A 262 38.84 -44.69 -61.17
CA VAL A 262 37.64 -45.49 -61.38
C VAL A 262 37.92 -46.93 -60.99
N SER A 263 36.87 -47.74 -61.00
CA SER A 263 36.97 -49.18 -60.81
C SER A 263 35.69 -49.81 -61.32
N ALA A 264 35.81 -51.04 -61.84
CA ALA A 264 34.64 -51.74 -62.34
C ALA A 264 33.68 -52.10 -61.22
N ARG A 265 34.22 -52.49 -60.05
CA ARG A 265 33.38 -52.88 -58.94
C ARG A 265 32.68 -51.69 -58.29
N HIS A 266 33.17 -50.47 -58.52
CA HIS A 266 32.60 -49.31 -57.85
C HIS A 266 31.20 -49.00 -58.35
N TYR A 267 30.89 -49.33 -59.60
CA TYR A 267 29.58 -49.02 -60.15
C TYR A 267 28.50 -49.87 -59.48
N GLY A 268 27.37 -49.24 -59.17
CA GLY A 268 26.27 -49.91 -58.54
C GLY A 268 25.52 -48.96 -57.61
N ASN A 269 24.58 -49.52 -56.86
CA ASN A 269 23.80 -48.74 -55.92
C ASN A 269 24.61 -48.42 -54.66
N TYR A 270 24.24 -47.32 -54.01
CA TYR A 270 24.85 -46.92 -52.75
C TYR A 270 23.79 -46.36 -51.83
N THR A 271 24.00 -46.52 -50.53
CA THR A 271 23.13 -45.93 -49.52
C THR A 271 23.99 -45.34 -48.42
N CYS A 272 23.60 -44.15 -47.94
CA CYS A 272 24.23 -43.52 -46.79
C CYS A 272 23.26 -43.57 -45.61
N ARG A 273 23.82 -43.58 -44.40
CA ARG A 273 23.00 -43.61 -43.21
C ARG A 273 23.57 -42.66 -42.17
N ALA A 274 22.74 -41.74 -41.69
CA ALA A 274 23.10 -40.78 -40.65
C ALA A 274 22.23 -41.02 -39.43
N ALA A 275 22.86 -41.29 -38.28
CA ALA A 275 22.14 -41.64 -37.07
C ALA A 275 22.80 -40.98 -35.87
N ASN A 276 21.97 -40.54 -34.92
CA ASN A 276 22.47 -40.06 -33.64
C ASN A 276 21.65 -40.78 -32.55
N ARG A 277 21.64 -40.21 -31.35
CA ARG A 277 20.92 -40.82 -30.24
C ARG A 277 19.41 -40.71 -30.37
N LEU A 278 18.91 -39.86 -31.27
CA LEU A 278 17.48 -39.61 -31.36
C LEU A 278 16.81 -40.24 -32.58
N GLY A 279 17.58 -40.71 -33.55
CA GLY A 279 16.98 -41.33 -34.71
C GLY A 279 18.03 -41.69 -35.74
N ALA A 280 17.54 -42.17 -36.88
CA ALA A 280 18.40 -42.55 -38.00
C ALA A 280 17.69 -42.21 -39.30
N SER A 281 18.48 -42.13 -40.36
CA SER A 281 17.93 -41.88 -41.69
C SER A 281 18.84 -42.53 -42.72
N SER A 282 18.28 -42.78 -43.91
CA SER A 282 19.03 -43.39 -45.00
C SER A 282 18.46 -42.92 -46.33
N ALA A 283 19.36 -42.75 -47.30
CA ALA A 283 18.99 -42.37 -48.65
C ALA A 283 19.82 -43.18 -49.64
N SER A 284 19.25 -43.42 -50.82
CA SER A 284 19.87 -44.25 -51.83
C SER A 284 20.31 -43.38 -53.00
N MET A 285 21.59 -43.45 -53.33
CA MET A 285 22.14 -42.79 -54.51
C MET A 285 22.94 -43.81 -55.31
N ARG A 286 23.08 -43.55 -56.60
CA ARG A 286 23.75 -44.47 -57.50
C ARG A 286 25.02 -43.85 -58.07
N LEU A 287 25.79 -44.70 -58.74
CA LEU A 287 27.03 -44.30 -59.42
C LEU A 287 27.00 -44.93 -60.81
N LEU A 288 26.86 -44.09 -61.84
CA LEU A 288 26.59 -44.55 -63.18
C LEU A 288 27.66 -44.10 -64.16
N ARG A 289 27.58 -44.62 -65.39
CA ARG A 289 28.50 -44.28 -66.45
C ARG A 289 27.79 -43.60 -67.61
N ALA B 17 4.52 -11.16 32.35
CA ALA B 17 3.10 -11.53 32.46
C ALA B 17 2.21 -10.32 32.17
N ALA B 18 1.49 -9.88 33.20
CA ALA B 18 0.70 -8.64 33.17
C ALA B 18 -0.37 -8.77 32.09
N VAL B 19 -0.55 -7.76 31.23
CA VAL B 19 -1.68 -7.71 30.31
C VAL B 19 -1.21 -7.10 28.99
N ASP B 20 -1.83 -7.56 27.89
CA ASP B 20 -1.56 -6.99 26.57
C ASP B 20 -2.57 -5.93 26.17
N ASN B 21 -3.84 -6.14 26.52
CA ASN B 21 -4.90 -5.17 26.29
C ASN B 21 -5.60 -4.87 27.60
N MET B 22 -5.69 -3.60 27.95
CA MET B 22 -6.30 -3.17 29.21
C MET B 22 -7.49 -2.27 28.92
N MET B 23 -8.62 -2.60 29.53
CA MET B 23 -9.86 -1.83 29.37
C MET B 23 -10.24 -1.22 30.72
N VAL B 24 -10.51 0.08 30.72
CA VAL B 24 -10.88 0.81 31.93
C VAL B 24 -12.01 1.78 31.59
N ARG B 25 -12.60 2.36 32.63
CA ARG B 25 -13.70 3.29 32.49
C ARG B 25 -13.21 4.72 32.46
N LYS B 26 -13.98 5.58 31.80
CA LYS B 26 -13.63 7.00 31.74
C LYS B 26 -13.66 7.61 33.13
N GLY B 27 -12.63 8.39 33.45
CA GLY B 27 -12.52 9.01 34.75
C GLY B 27 -11.84 8.17 35.82
N ASP B 28 -11.74 6.87 35.61
CA ASP B 28 -11.07 6.01 36.57
C ASP B 28 -9.55 6.24 36.51
N THR B 29 -8.83 5.58 37.41
CA THR B 29 -7.38 5.61 37.43
C THR B 29 -6.87 4.25 36.96
N ALA B 30 -6.07 4.25 35.90
CA ALA B 30 -5.51 3.03 35.33
C ALA B 30 -4.07 2.87 35.78
N VAL B 31 -3.66 1.62 36.02
CA VAL B 31 -2.32 1.28 36.48
C VAL B 31 -1.73 0.26 35.52
N LEU B 32 -0.73 0.68 34.74
CA LEU B 32 -0.09 -0.17 33.73
C LEU B 32 1.19 -0.73 34.32
N ARG B 33 1.12 -1.97 34.78
CA ARG B 33 2.25 -2.56 35.49
C ARG B 33 3.39 -2.89 34.53
N CYS B 34 4.63 -2.69 34.99
CA CYS B 34 5.82 -3.02 34.22
C CYS B 34 6.98 -3.34 35.15
N TYR B 35 6.98 -4.53 35.77
CA TYR B 35 8.08 -4.90 36.66
C TYR B 35 9.34 -5.14 35.86
N LEU B 36 10.45 -4.54 36.30
CA LEU B 36 11.71 -4.63 35.60
C LEU B 36 12.67 -5.57 36.32
N GLU B 37 13.81 -5.83 35.67
CA GLU B 37 14.76 -6.83 36.11
C GLU B 37 15.73 -6.29 37.15
N ASP B 38 16.28 -7.21 37.94
CA ASP B 38 17.21 -6.83 38.99
C ASP B 38 18.52 -6.29 38.39
N GLY B 39 19.17 -5.40 39.15
CA GLY B 39 20.39 -4.77 38.73
C GLY B 39 20.26 -3.26 38.73
N ALA B 40 21.07 -2.61 37.89
CA ALA B 40 20.99 -1.17 37.68
C ALA B 40 20.07 -0.81 36.52
N SER B 41 19.03 -1.62 36.28
CA SER B 41 18.18 -1.43 35.12
C SER B 41 17.37 -0.14 35.23
N LYS B 42 17.20 0.53 34.10
CA LYS B 42 16.46 1.79 34.01
C LYS B 42 15.28 1.59 33.07
N GLY B 43 14.11 2.08 33.49
CA GLY B 43 12.89 1.90 32.74
C GLY B 43 12.40 3.21 32.14
N ALA B 44 11.64 3.09 31.04
CA ALA B 44 11.09 4.25 30.36
C ALA B 44 9.69 3.92 29.88
N TRP B 45 8.74 4.84 30.12
CA TRP B 45 7.37 4.69 29.66
C TRP B 45 7.14 5.57 28.43
N LEU B 46 6.43 5.02 27.46
CA LEU B 46 6.22 5.67 26.17
C LEU B 46 4.73 5.71 25.85
N ASN B 47 4.19 6.92 25.67
CA ASN B 47 2.87 7.13 25.07
C ASN B 47 3.07 7.21 23.56
N ARG B 48 2.48 6.26 22.83
CA ARG B 48 2.73 6.11 21.39
C ARG B 48 4.23 6.04 21.16
N SER B 49 4.78 7.01 20.43
CA SER B 49 6.22 7.07 20.17
C SER B 49 6.97 8.04 21.09
N SER B 50 6.25 8.87 21.85
CA SER B 50 6.86 9.90 22.70
C SER B 50 7.16 9.35 24.10
N ILE B 51 8.11 10.00 24.76
CA ILE B 51 8.58 9.58 26.08
C ILE B 51 7.73 10.24 27.16
N ILE B 52 7.23 9.42 28.08
CA ILE B 52 6.49 9.92 29.24
C ILE B 52 7.45 10.02 30.42
N PHE B 53 8.08 8.90 30.76
CA PHE B 53 9.09 8.84 31.81
C PHE B 53 10.37 8.23 31.26
N ALA B 54 11.49 8.66 31.83
CA ALA B 54 12.81 8.11 31.50
C ALA B 54 13.56 7.96 32.82
N GLY B 55 13.35 6.84 33.49
CA GLY B 55 13.92 6.67 34.81
C GLY B 55 13.19 7.54 35.81
N GLY B 56 13.94 8.37 36.54
CA GLY B 56 13.33 9.26 37.51
C GLY B 56 12.76 10.54 36.93
N ASP B 57 13.23 10.94 35.74
CA ASP B 57 12.74 12.17 35.13
C ASP B 57 11.31 11.99 34.64
N LYS B 58 10.52 13.05 34.79
CA LYS B 58 9.16 13.11 34.24
C LYS B 58 9.17 14.06 33.06
N TRP B 59 9.28 13.50 31.85
CA TRP B 59 9.21 14.32 30.66
C TRP B 59 7.82 14.93 30.47
N SER B 60 6.79 14.25 30.94
CA SER B 60 5.42 14.67 30.68
C SER B 60 5.05 15.88 31.53
N VAL B 61 4.23 16.76 30.94
CA VAL B 61 3.72 17.94 31.63
C VAL B 61 2.32 17.72 32.17
N ASP B 62 1.80 16.51 32.07
CA ASP B 62 0.42 16.25 32.48
C ASP B 62 0.37 15.96 33.98
N PRO B 63 -0.50 16.65 34.73
CA PRO B 63 -0.61 16.37 36.17
C PRO B 63 -1.25 15.03 36.50
N ARG B 64 -1.90 14.36 35.55
CA ARG B 64 -2.57 13.09 35.84
C ARG B 64 -1.65 11.89 35.72
N VAL B 65 -0.48 12.05 35.12
CA VAL B 65 0.44 10.94 34.88
C VAL B 65 1.47 10.88 36.00
N SER B 66 1.77 9.67 36.46
CA SER B 66 2.69 9.48 37.57
C SER B 66 3.24 8.07 37.52
N ILE B 67 4.22 7.80 38.39
CA ILE B 67 4.83 6.48 38.51
C ILE B 67 4.55 5.95 39.92
N SER B 68 4.04 4.72 39.99
CA SER B 68 3.80 4.05 41.26
C SER B 68 4.88 3.00 41.44
N THR B 69 5.75 3.21 42.42
CA THR B 69 6.91 2.35 42.67
C THR B 69 6.65 1.60 43.96
N LEU B 70 6.11 0.39 43.85
CA LEU B 70 5.83 -0.42 45.03
C LEU B 70 7.12 -0.92 45.67
N ASN B 71 8.08 -1.36 44.85
CA ASN B 71 9.40 -1.75 45.32
C ASN B 71 10.43 -1.26 44.32
N LYS B 72 11.71 -1.49 44.63
CA LYS B 72 12.78 -1.02 43.75
C LYS B 72 12.68 -1.64 42.36
N ARG B 73 12.20 -2.89 42.27
CA ARG B 73 12.04 -3.54 40.98
C ARG B 73 10.76 -3.14 40.26
N ASP B 74 9.82 -2.50 40.95
CA ASP B 74 8.55 -2.11 40.33
C ASP B 74 8.71 -0.83 39.54
N TYR B 75 7.95 -0.73 38.46
CA TYR B 75 7.97 0.45 37.59
C TYR B 75 6.63 0.48 36.87
N SER B 76 5.72 1.34 37.31
CA SER B 76 4.37 1.34 36.79
C SER B 76 3.96 2.75 36.40
N LEU B 77 3.06 2.83 35.42
CA LEU B 77 2.50 4.09 34.94
C LEU B 77 1.07 4.20 35.45
N GLN B 78 0.75 5.29 36.15
CA GLN B 78 -0.56 5.49 36.73
C GLN B 78 -1.17 6.76 36.16
N ILE B 79 -2.31 6.62 35.50
CA ILE B 79 -3.01 7.74 34.88
C ILE B 79 -4.34 7.89 35.59
N GLN B 80 -4.48 8.98 36.35
CA GLN B 80 -5.72 9.30 37.03
C GLN B 80 -6.62 10.10 36.11
N ASN B 81 -7.93 9.98 36.33
CA ASN B 81 -8.93 10.66 35.50
C ASN B 81 -8.69 10.35 34.02
N VAL B 82 -8.52 9.07 33.71
CA VAL B 82 -8.24 8.67 32.35
C VAL B 82 -9.41 9.05 31.45
N ASP B 83 -9.09 9.46 30.23
CA ASP B 83 -10.09 9.97 29.30
C ASP B 83 -9.95 9.25 27.96
N VAL B 84 -10.89 9.56 27.06
CA VAL B 84 -10.86 8.95 25.73
C VAL B 84 -9.59 9.33 24.99
N THR B 85 -9.10 10.56 25.21
CA THR B 85 -7.86 10.99 24.58
C THR B 85 -6.68 10.13 25.00
N ASP B 86 -6.78 9.42 26.13
CA ASP B 86 -5.67 8.65 26.66
C ASP B 86 -5.58 7.23 26.11
N ASP B 87 -6.58 6.78 25.34
CA ASP B 87 -6.54 5.40 24.86
C ASP B 87 -5.51 5.28 23.74
N GLY B 88 -4.80 4.15 23.72
CA GLY B 88 -3.75 3.93 22.76
C GLY B 88 -2.68 2.98 23.25
N PRO B 89 -1.59 2.87 22.50
CA PRO B 89 -0.54 1.92 22.87
C PRO B 89 0.54 2.55 23.74
N TYR B 90 0.76 2.00 24.92
CA TYR B 90 1.79 2.46 25.82
C TYR B 90 2.89 1.41 25.93
N THR B 91 4.13 1.86 25.87
CA THR B 91 5.30 0.98 25.78
C THR B 91 6.24 1.27 26.94
N CYS B 92 6.57 0.23 27.70
CA CYS B 92 7.52 0.31 28.80
C CYS B 92 8.78 -0.43 28.39
N SER B 93 9.87 0.30 28.20
CA SER B 93 11.12 -0.27 27.70
C SER B 93 12.05 -0.49 28.90
N VAL B 94 12.00 -1.71 29.44
CA VAL B 94 12.96 -2.13 30.46
C VAL B 94 14.29 -2.42 29.78
N GLN B 95 15.35 -1.80 30.27
CA GLN B 95 16.66 -1.85 29.63
C GLN B 95 17.59 -2.75 30.45
N THR B 96 17.88 -3.92 29.92
CA THR B 96 18.86 -4.83 30.50
C THR B 96 20.14 -4.79 29.68
N GLN B 97 21.28 -4.92 30.37
CA GLN B 97 22.57 -4.84 29.69
C GLN B 97 22.70 -5.90 28.60
N HIS B 98 22.15 -7.09 28.83
CA HIS B 98 22.21 -8.16 27.83
C HIS B 98 21.33 -7.82 26.64
N THR B 99 20.02 -7.81 26.85
CA THR B 99 19.05 -7.50 25.80
C THR B 99 17.94 -6.65 26.39
N PRO B 100 17.50 -5.61 25.67
CA PRO B 100 16.41 -4.77 26.18
C PRO B 100 15.08 -5.51 26.17
N ARG B 101 14.23 -5.16 27.12
CA ARG B 101 12.90 -5.74 27.23
C ARG B 101 11.84 -4.69 26.89
N THR B 102 10.75 -5.15 26.29
CA THR B 102 9.66 -4.29 25.87
C THR B 102 8.34 -4.94 26.23
N MET B 103 7.42 -4.15 26.79
CA MET B 103 6.10 -4.65 27.20
C MET B 103 5.06 -3.60 26.83
N GLN B 104 4.62 -3.64 25.56
CA GLN B 104 3.61 -2.71 25.08
C GLN B 104 2.23 -3.09 25.60
N VAL B 105 1.39 -2.07 25.82
CA VAL B 105 0.05 -2.26 26.37
C VAL B 105 -0.90 -1.31 25.64
N HIS B 106 -1.98 -1.87 25.11
CA HIS B 106 -3.00 -1.07 24.44
C HIS B 106 -4.10 -0.73 25.44
N LEU B 107 -4.27 0.56 25.72
CA LEU B 107 -5.27 1.03 26.65
C LEU B 107 -6.53 1.44 25.91
N THR B 108 -7.68 0.94 26.35
CA THR B 108 -8.97 1.30 25.80
C THR B 108 -9.83 1.89 26.90
N VAL B 109 -10.31 3.11 26.69
CA VAL B 109 -11.10 3.84 27.68
C VAL B 109 -12.56 3.79 27.27
N GLN B 110 -13.42 3.40 28.20
CA GLN B 110 -14.84 3.24 27.93
C GLN B 110 -15.63 4.41 28.52
N VAL B 111 -16.60 4.89 27.77
CA VAL B 111 -17.53 5.92 28.21
C VAL B 111 -18.87 5.25 28.45
N PRO B 112 -19.43 5.30 29.66
CA PRO B 112 -20.74 4.73 29.88
C PRO B 112 -21.79 5.49 29.09
N PRO B 113 -22.86 4.81 28.66
CA PRO B 113 -23.86 5.48 27.82
C PRO B 113 -24.55 6.61 28.57
N LYS B 114 -25.06 7.58 27.81
CA LYS B 114 -25.72 8.75 28.38
C LYS B 114 -26.85 9.16 27.46
N ILE B 115 -28.08 8.89 27.88
CA ILE B 115 -29.26 9.34 27.15
C ILE B 115 -29.36 10.85 27.26
N TYR B 116 -29.07 11.55 26.17
CA TYR B 116 -29.02 13.01 26.17
C TYR B 116 -30.29 13.66 25.66
N ASP B 117 -31.25 12.88 25.16
CA ASP B 117 -32.48 13.45 24.65
C ASP B 117 -33.60 12.41 24.76
N ILE B 118 -34.80 12.89 25.09
CA ILE B 118 -35.98 12.05 25.18
C ILE B 118 -37.20 12.97 25.07
N SER B 119 -38.26 12.45 24.47
CA SER B 119 -39.46 13.26 24.26
C SER B 119 -40.07 13.65 25.61
N ASN B 120 -40.60 14.86 25.68
CA ASN B 120 -41.21 15.33 26.91
C ASN B 120 -42.47 14.54 27.22
N ASP B 121 -42.88 14.57 28.48
CA ASP B 121 -44.11 13.92 28.90
C ASP B 121 -45.30 14.56 28.17
N MET B 122 -45.84 13.87 27.18
CA MET B 122 -46.88 14.40 26.31
C MET B 122 -48.21 13.72 26.59
N THR B 123 -49.29 14.43 26.26
CA THR B 123 -50.66 13.92 26.37
C THR B 123 -51.36 14.22 25.05
N VAL B 124 -51.43 13.22 24.17
CA VAL B 124 -52.04 13.38 22.85
C VAL B 124 -53.31 12.55 22.80
N ASN B 125 -54.29 13.04 22.04
CA ASN B 125 -55.58 12.37 21.96
C ASN B 125 -55.47 11.03 21.23
N GLU B 126 -56.50 10.21 21.41
CA GLU B 126 -56.51 8.86 20.86
C GLU B 126 -56.67 8.90 19.34
N GLY B 127 -56.26 7.80 18.70
CA GLY B 127 -56.43 7.63 17.27
C GLY B 127 -55.28 8.16 16.43
N THR B 128 -54.55 9.14 16.93
CA THR B 128 -53.45 9.71 16.16
C THR B 128 -52.24 8.79 16.19
N ASN B 129 -51.29 9.06 15.29
CA ASN B 129 -50.02 8.37 15.26
C ASN B 129 -48.94 9.29 15.79
N VAL B 130 -48.14 8.78 16.73
CA VAL B 130 -47.12 9.56 17.41
C VAL B 130 -45.79 8.81 17.33
N THR B 131 -44.70 9.55 17.38
CA THR B 131 -43.35 8.99 17.33
C THR B 131 -42.57 9.46 18.56
N LEU B 132 -41.97 8.52 19.28
CA LEU B 132 -41.18 8.81 20.47
C LEU B 132 -39.70 8.65 20.14
N THR B 133 -38.89 9.62 20.56
CA THR B 133 -37.46 9.65 20.27
C THR B 133 -36.65 9.48 21.55
N CYS B 134 -35.53 8.77 21.44
CA CYS B 134 -34.61 8.59 22.55
C CYS B 134 -33.21 8.48 21.97
N LEU B 135 -32.38 9.49 22.22
CA LEU B 135 -31.04 9.55 21.67
C LEU B 135 -30.01 9.47 22.80
N ALA B 136 -28.99 8.63 22.61
CA ALA B 136 -27.96 8.43 23.61
C ALA B 136 -26.60 8.37 22.95
N THR B 137 -25.55 8.53 23.75
CA THR B 137 -24.19 8.47 23.25
C THR B 137 -23.30 7.76 24.26
N GLY B 138 -22.13 7.34 23.79
CA GLY B 138 -21.19 6.62 24.62
C GLY B 138 -20.12 5.97 23.77
N LYS B 139 -19.19 5.33 24.45
CA LYS B 139 -18.07 4.63 23.81
C LYS B 139 -17.98 3.22 24.37
N PRO B 140 -18.30 2.18 23.59
CA PRO B 140 -18.74 2.27 22.20
C PRO B 140 -20.18 2.75 22.04
N GLU B 141 -20.66 2.75 20.79
CA GLU B 141 -21.99 3.27 20.50
C GLU B 141 -23.05 2.44 21.22
N PRO B 142 -23.93 3.07 21.98
CA PRO B 142 -24.99 2.32 22.66
C PRO B 142 -26.12 1.95 21.71
N SER B 143 -26.88 0.93 22.12
CA SER B 143 -28.04 0.46 21.38
C SER B 143 -29.30 0.78 22.17
N ILE B 144 -30.23 1.48 21.54
CA ILE B 144 -31.44 1.98 22.20
C ILE B 144 -32.58 1.01 21.96
N SER B 145 -33.22 0.56 23.03
CA SER B 145 -34.35 -0.35 22.97
C SER B 145 -35.49 0.18 23.81
N TRP B 146 -36.71 -0.19 23.46
CA TRP B 146 -37.92 0.31 24.08
C TRP B 146 -38.67 -0.80 24.80
N ARG B 147 -39.57 -0.39 25.70
CA ARG B 147 -40.42 -1.29 26.46
C ARG B 147 -41.61 -0.51 26.99
N HIS B 148 -42.65 -1.25 27.37
CA HIS B 148 -43.90 -0.69 27.86
C HIS B 148 -44.12 -1.13 29.31
N ILE B 149 -44.55 -0.19 30.15
CA ILE B 149 -44.77 -0.52 31.56
C ILE B 149 -45.84 -1.59 31.70
N SER B 150 -46.90 -1.49 30.90
CA SER B 150 -48.03 -2.40 31.03
C SER B 150 -47.57 -3.85 30.92
N PRO B 151 -48.11 -4.76 31.73
CA PRO B 151 -47.66 -6.15 31.66
C PRO B 151 -48.02 -6.83 30.35
N SER B 152 -49.17 -6.47 29.76
CA SER B 152 -49.64 -7.11 28.53
C SER B 152 -49.03 -6.37 27.34
N ALA B 153 -47.75 -6.63 27.11
CA ALA B 153 -47.05 -5.99 26.00
C ALA B 153 -45.85 -6.83 25.60
N LYS B 154 -45.34 -6.55 24.40
CA LYS B 154 -44.16 -7.18 23.86
C LYS B 154 -43.05 -6.15 23.69
N PRO B 155 -41.81 -6.50 24.02
CA PRO B 155 -40.70 -5.55 23.85
C PRO B 155 -40.56 -5.12 22.40
N PHE B 156 -40.50 -3.80 22.19
CA PHE B 156 -40.39 -3.26 20.84
C PHE B 156 -38.99 -3.48 20.30
N GLU B 157 -38.86 -3.30 18.99
CA GLU B 157 -37.59 -3.57 18.32
C GLU B 157 -36.57 -2.47 18.63
N ASN B 158 -35.30 -2.86 18.65
CA ASN B 158 -34.21 -1.95 18.98
C ASN B 158 -34.12 -0.79 18.00
N GLY B 159 -34.70 0.35 18.38
CA GLY B 159 -34.65 1.54 17.55
C GLY B 159 -34.73 2.81 18.38
N GLN B 160 -33.89 3.78 18.05
CA GLN B 160 -33.91 5.05 18.77
C GLN B 160 -35.24 5.78 18.60
N TYR B 161 -35.89 5.59 17.45
CA TYR B 161 -37.20 6.16 17.19
C TYR B 161 -38.27 5.07 17.31
N LEU B 162 -39.29 5.33 18.11
CA LEU B 162 -40.42 4.42 18.27
C LEU B 162 -41.68 5.13 17.78
N ASP B 163 -42.29 4.58 16.73
CA ASP B 163 -43.46 5.17 16.09
C ASP B 163 -44.65 4.23 16.25
N ILE B 164 -45.75 4.76 16.78
CA ILE B 164 -46.99 4.02 16.96
C ILE B 164 -48.06 4.69 16.11
N TYR B 165 -48.72 3.89 15.27
CA TYR B 165 -49.78 4.39 14.40
C TYR B 165 -51.14 4.10 15.03
N GLY B 166 -51.99 5.12 15.08
CA GLY B 166 -53.32 4.98 15.65
C GLY B 166 -53.28 4.46 17.08
N ILE B 167 -52.78 5.28 18.00
CA ILE B 167 -52.60 4.83 19.38
C ILE B 167 -53.97 4.61 20.02
N THR B 168 -54.07 3.54 20.80
CA THR B 168 -55.31 3.15 21.43
C THR B 168 -55.33 3.61 22.89
N ARG B 169 -56.42 3.30 23.59
CA ARG B 169 -56.56 3.71 24.98
C ARG B 169 -55.59 2.95 25.88
N ASP B 170 -55.41 1.66 25.65
CA ASP B 170 -54.57 0.84 26.51
C ASP B 170 -53.08 1.02 26.28
N GLN B 171 -52.68 1.73 25.21
CA GLN B 171 -51.27 1.91 24.92
C GLN B 171 -50.64 3.04 25.73
N ALA B 172 -51.42 3.81 26.46
CA ALA B 172 -50.86 4.88 27.28
C ALA B 172 -50.10 4.30 28.47
N GLY B 173 -49.35 5.18 29.14
CA GLY B 173 -48.52 4.82 30.26
C GLY B 173 -47.13 5.37 30.08
N GLU B 174 -46.17 4.77 30.76
CA GLU B 174 -44.77 5.18 30.68
C GLU B 174 -44.04 4.29 29.69
N TYR B 175 -43.24 4.90 28.82
CA TYR B 175 -42.39 4.15 27.90
C TYR B 175 -40.96 4.29 28.36
N GLU B 176 -40.32 3.16 28.62
CA GLU B 176 -39.00 3.12 29.27
C GLU B 176 -37.93 2.90 28.22
N CYS B 177 -37.24 3.98 27.85
CA CYS B 177 -36.11 3.87 26.94
C CYS B 177 -34.90 3.32 27.69
N SER B 178 -34.19 2.40 27.04
CA SER B 178 -32.99 1.79 27.61
C SER B 178 -31.87 1.87 26.59
N ALA B 179 -30.81 2.61 26.93
CA ALA B 179 -29.61 2.67 26.12
C ALA B 179 -28.56 1.77 26.77
N GLU B 180 -28.15 0.73 26.05
CA GLU B 180 -27.31 -0.30 26.62
C GLU B 180 -25.95 -0.34 25.96
N ASN B 181 -24.97 -0.77 26.72
CA ASN B 181 -23.62 -1.04 26.23
C ASN B 181 -23.20 -2.40 26.78
N ASP B 182 -22.14 -2.97 26.21
CA ASP B 182 -21.67 -4.25 26.69
C ASP B 182 -21.15 -4.16 28.12
N VAL B 183 -20.73 -2.98 28.55
CA VAL B 183 -20.16 -2.78 29.89
C VAL B 183 -20.77 -1.53 30.52
N SER B 184 -21.10 -1.62 31.81
CA SER B 184 -21.65 -0.50 32.58
C SER B 184 -22.85 0.11 31.87
N PHE B 185 -23.76 -0.77 31.43
CA PHE B 185 -24.90 -0.43 30.59
C PHE B 185 -25.99 0.43 31.21
N PRO B 186 -26.33 0.28 32.53
CA PRO B 186 -27.55 0.93 33.05
C PRO B 186 -27.74 2.38 32.66
N ASP B 187 -28.76 2.64 31.86
CA ASP B 187 -29.13 4.01 31.47
C ASP B 187 -30.62 3.96 31.10
N VAL B 188 -31.47 4.24 32.07
CA VAL B 188 -32.90 4.05 31.95
C VAL B 188 -33.61 5.33 32.31
N ARG B 189 -34.40 5.87 31.38
CA ARG B 189 -35.26 7.01 31.63
C ARG B 189 -36.63 6.75 31.02
N LYS B 190 -37.67 7.20 31.71
CA LYS B 190 -39.05 6.92 31.33
C LYS B 190 -39.76 8.19 30.87
N VAL B 191 -40.77 8.01 30.04
CA VAL B 191 -41.64 9.10 29.59
C VAL B 191 -43.08 8.61 29.63
N LYS B 192 -43.94 9.33 30.33
CA LYS B 192 -45.34 8.95 30.47
C LYS B 192 -46.15 9.62 29.37
N VAL B 193 -47.03 8.83 28.75
CA VAL B 193 -47.95 9.33 27.73
C VAL B 193 -49.37 9.07 28.21
N VAL B 194 -50.27 10.01 27.92
CA VAL B 194 -51.68 9.90 28.29
C VAL B 194 -52.50 10.14 27.03
N VAL B 195 -53.30 9.16 26.64
CA VAL B 195 -54.17 9.27 25.47
C VAL B 195 -55.55 9.71 25.94
N ASN B 196 -56.10 10.72 25.27
CA ASN B 196 -57.43 11.23 25.56
C ASN B 196 -58.44 10.60 24.61
N PHE B 197 -59.52 10.07 25.17
CA PHE B 197 -60.54 9.38 24.40
C PHE B 197 -61.91 9.92 24.76
N ALA B 198 -62.76 10.06 23.75
CA ALA B 198 -64.13 10.49 23.99
C ALA B 198 -64.84 9.46 24.86
N PRO B 199 -65.55 9.88 25.90
CA PRO B 199 -66.13 8.91 26.83
C PRO B 199 -67.31 8.17 26.21
N THR B 200 -67.43 6.88 26.54
CA THR B 200 -68.54 6.05 26.12
C THR B 200 -69.10 5.33 27.32
N ILE B 201 -70.43 5.27 27.41
CA ILE B 201 -71.10 4.62 28.53
C ILE B 201 -71.18 3.13 28.25
N GLN B 202 -70.66 2.33 29.18
CA GLN B 202 -70.64 0.88 29.00
C GLN B 202 -71.84 0.18 29.65
N GLU B 203 -72.42 0.78 30.70
CA GLU B 203 -73.48 0.12 31.44
C GLU B 203 -74.27 1.15 32.24
N ILE B 204 -75.57 0.97 32.29
CA ILE B 204 -76.43 1.77 33.16
C ILE B 204 -77.47 0.89 33.83
N CYS B 219 -74.37 6.98 35.59
CA CYS B 219 -74.24 5.58 35.20
C CYS B 219 -72.78 5.13 35.31
N GLU B 220 -72.46 4.02 34.66
CA GLU B 220 -71.11 3.45 34.71
C GLU B 220 -70.46 3.59 33.34
N GLY B 221 -69.33 4.29 33.29
CA GLY B 221 -68.59 4.47 32.06
C GLY B 221 -67.11 4.63 32.27
N ALA B 222 -66.38 4.97 31.21
CA ALA B 222 -64.93 5.18 31.30
C ALA B 222 -64.51 6.11 30.18
N GLY B 223 -63.91 7.24 30.55
CA GLY B 223 -63.46 8.21 29.58
C GLY B 223 -62.39 9.10 30.17
N VAL B 224 -61.45 9.52 29.31
CA VAL B 224 -60.36 10.38 29.75
C VAL B 224 -60.28 11.60 28.83
N PRO B 225 -60.23 12.83 29.38
CA PRO B 225 -60.23 13.17 30.80
C PRO B 225 -61.53 12.81 31.51
N PRO B 226 -61.47 12.60 32.82
CA PRO B 226 -62.67 12.18 33.56
C PRO B 226 -63.84 13.11 33.31
N PRO B 227 -65.00 12.56 32.95
CA PRO B 227 -66.14 13.41 32.59
C PRO B 227 -67.03 13.73 33.79
N ALA B 228 -67.79 14.80 33.63
CA ALA B 228 -68.78 15.23 34.62
C ALA B 228 -70.12 14.67 34.20
N PHE B 229 -70.54 13.58 34.82
CA PHE B 229 -71.79 12.93 34.47
C PHE B 229 -72.97 13.85 34.77
N GLU B 230 -73.90 13.94 33.82
CA GLU B 230 -75.11 14.74 33.96
C GLU B 230 -76.31 13.80 33.94
N TRP B 231 -77.13 13.87 34.98
CA TRP B 231 -78.33 13.04 35.10
C TRP B 231 -79.52 13.86 34.59
N TYR B 232 -79.94 13.58 33.36
CA TYR B 232 -81.05 14.29 32.72
C TYR B 232 -82.26 13.35 32.67
N LYS B 233 -83.29 13.67 33.45
CA LYS B 233 -84.53 12.93 33.45
C LYS B 233 -85.57 13.71 32.67
N GLY B 234 -85.95 13.20 31.50
CA GLY B 234 -86.93 13.87 30.66
C GLY B 234 -86.41 15.15 30.03
N GLU B 235 -87.02 16.28 30.38
CA GLU B 235 -86.70 17.53 29.71
C GLU B 235 -85.41 18.16 30.25
N LYS B 236 -85.23 18.17 31.56
CA LYS B 236 -84.11 18.88 32.16
C LYS B 236 -83.46 18.02 33.23
N LYS B 237 -82.25 18.42 33.63
CA LYS B 237 -81.48 17.75 34.67
C LYS B 237 -81.66 18.50 35.99
N LEU B 238 -81.87 17.74 37.06
CA LEU B 238 -82.06 18.30 38.39
C LEU B 238 -81.11 17.62 39.37
N PHE B 239 -80.53 18.43 40.26
CA PHE B 239 -79.61 17.91 41.26
C PHE B 239 -80.34 17.07 42.30
N ASN B 249 -70.87 10.93 43.52
CA ASN B 249 -70.52 10.96 42.11
C ASN B 249 -69.07 10.51 41.92
N PHE B 250 -68.86 9.21 41.76
CA PHE B 250 -67.52 8.68 41.58
C PHE B 250 -66.91 9.21 40.27
N SER B 251 -65.58 9.20 40.22
CA SER B 251 -64.89 9.74 39.06
C SER B 251 -65.27 8.98 37.78
N THR B 252 -65.40 7.66 37.89
CA THR B 252 -65.70 6.82 36.73
C THR B 252 -67.15 6.33 36.70
N ARG B 253 -67.97 6.70 37.69
CA ARG B 253 -69.34 6.22 37.75
C ARG B 253 -70.24 7.29 38.35
N SER B 254 -71.52 7.21 38.03
CA SER B 254 -72.51 8.13 38.60
C SER B 254 -73.66 7.31 39.16
N ILE B 255 -73.98 7.53 40.43
CA ILE B 255 -75.01 6.77 41.14
C ILE B 255 -76.17 7.70 41.45
N LEU B 256 -77.35 7.33 40.99
CA LEU B 256 -78.57 8.07 41.31
C LEU B 256 -79.19 7.53 42.60
N THR B 257 -79.95 8.37 43.26
CA THR B 257 -80.58 8.04 44.53
C THR B 257 -82.09 7.89 44.36
N VAL B 258 -82.63 6.77 44.81
CA VAL B 258 -84.05 6.48 44.64
C VAL B 258 -84.63 5.90 45.92
N THR B 259 -84.98 6.76 46.87
CA THR B 259 -85.65 6.37 48.11
C THR B 259 -86.95 7.14 48.23
N ASN B 260 -87.93 6.51 48.88
CA ASN B 260 -89.26 7.09 49.04
C ASN B 260 -89.85 7.46 47.67
N VAL B 261 -89.98 6.44 46.82
CA VAL B 261 -90.39 6.66 45.44
C VAL B 261 -91.81 7.19 45.39
N THR B 262 -92.04 8.18 44.54
CA THR B 262 -93.34 8.79 44.36
C THR B 262 -93.86 8.51 42.95
N GLN B 263 -95.17 8.58 42.79
CA GLN B 263 -95.78 8.37 41.47
C GLN B 263 -95.33 9.45 40.49
N GLU B 264 -95.16 10.68 40.96
CA GLU B 264 -94.64 11.74 40.11
C GLU B 264 -93.22 11.44 39.65
N HIS B 265 -92.43 10.78 40.50
CA HIS B 265 -91.02 10.54 40.17
C HIS B 265 -90.87 9.54 39.04
N PHE B 266 -91.82 8.61 38.89
CA PHE B 266 -91.68 7.54 37.92
C PHE B 266 -91.57 8.07 36.51
N GLY B 267 -90.74 7.42 35.71
CA GLY B 267 -90.49 7.85 34.35
C GLY B 267 -89.16 7.31 33.85
N ASN B 268 -88.89 7.62 32.60
CA ASN B 268 -87.65 7.18 31.94
C ASN B 268 -86.63 8.31 32.00
N TYR B 269 -85.46 8.01 32.55
CA TYR B 269 -84.38 8.98 32.70
C TYR B 269 -83.21 8.61 31.81
N THR B 270 -82.32 9.58 31.61
CA THR B 270 -81.16 9.41 30.73
C THR B 270 -79.88 9.78 31.48
N CYS B 271 -78.79 9.13 31.09
CA CYS B 271 -77.46 9.38 31.65
C CYS B 271 -76.61 10.08 30.60
N VAL B 272 -76.30 11.34 30.82
CA VAL B 272 -75.52 12.15 29.88
C VAL B 272 -74.12 12.32 30.47
N ALA B 273 -73.13 11.75 29.78
CA ALA B 273 -71.73 11.88 30.16
C ALA B 273 -71.00 12.66 29.07
N ALA B 274 -70.57 13.87 29.40
CA ALA B 274 -69.94 14.77 28.44
C ALA B 274 -68.57 15.18 28.92
N ASN B 275 -67.62 15.22 27.99
CA ASN B 275 -66.26 15.70 28.24
C ASN B 275 -65.86 16.66 27.12
N LYS B 276 -64.62 17.13 27.18
CA LYS B 276 -64.13 18.01 26.13
C LYS B 276 -63.97 17.28 24.80
N LEU B 277 -63.82 15.96 24.83
CA LEU B 277 -63.65 15.19 23.61
C LEU B 277 -64.97 14.76 23.00
N GLY B 278 -65.93 14.33 23.82
CA GLY B 278 -67.20 13.88 23.29
C GLY B 278 -68.27 13.82 24.36
N THR B 279 -69.50 13.59 23.91
CA THR B 279 -70.66 13.48 24.78
C THR B 279 -71.53 12.34 24.30
N THR B 280 -72.15 11.63 25.24
CA THR B 280 -73.03 10.51 24.91
C THR B 280 -74.15 10.45 25.93
N ASN B 281 -75.27 9.86 25.53
CA ASN B 281 -76.43 9.72 26.40
C ASN B 281 -76.99 8.30 26.30
N ALA B 282 -77.60 7.86 27.40
CA ALA B 282 -78.20 6.53 27.47
C ALA B 282 -79.38 6.59 28.43
N SER B 283 -80.53 6.10 27.98
CA SER B 283 -81.76 6.19 28.75
C SER B 283 -82.03 4.90 29.52
N LEU B 284 -82.86 5.02 30.55
CA LEU B 284 -83.28 3.89 31.39
C LEU B 284 -84.59 4.24 32.08
N PRO B 285 -85.58 3.35 32.09
CA PRO B 285 -86.88 3.66 32.69
C PRO B 285 -86.92 3.34 34.18
N LEU B 286 -87.73 4.13 34.89
CA LEU B 286 -87.94 3.93 36.31
C LEU B 286 -89.26 4.55 36.76
N PRO C 19 -1.83 6.73 13.44
CA PRO C 19 -3.02 6.21 14.15
C PRO C 19 -4.20 6.03 13.21
N ALA C 20 -4.54 4.78 12.91
CA ALA C 20 -5.63 4.47 11.99
C ALA C 20 -6.74 3.75 12.75
N ASP C 21 -7.93 4.35 12.75
CA ASP C 21 -9.12 3.76 13.35
C ASP C 21 -10.05 3.27 12.26
N ASN C 22 -10.65 2.10 12.47
CA ASN C 22 -11.53 1.48 11.49
C ASN C 22 -12.97 1.55 11.97
N TYR C 23 -13.83 2.16 11.16
CA TYR C 23 -15.24 2.31 11.46
C TYR C 23 -16.01 1.97 10.17
N THR C 24 -16.51 0.76 10.08
CA THR C 24 -17.18 0.26 8.88
C THR C 24 -18.68 0.24 9.09
N VAL C 25 -19.42 0.81 8.14
CA VAL C 25 -20.88 0.85 8.18
C VAL C 25 -21.42 0.41 6.83
N CYS C 26 -22.56 -0.28 6.86
CA CYS C 26 -23.22 -0.66 5.62
C CYS C 26 -23.81 0.57 4.94
N GLU C 27 -23.90 0.50 3.61
CA GLU C 27 -24.45 1.62 2.85
C GLU C 27 -25.90 1.87 3.23
N GLY C 28 -26.27 3.14 3.31
CA GLY C 28 -27.60 3.53 3.71
C GLY C 28 -27.81 3.64 5.21
N ASP C 29 -26.92 3.07 6.02
CA ASP C 29 -27.02 3.18 7.46
C ASP C 29 -26.67 4.59 7.91
N ASN C 30 -26.64 4.78 9.23
CA ASN C 30 -26.23 6.05 9.83
C ASN C 30 -24.86 5.87 10.48
N ALA C 31 -24.00 6.86 10.26
CA ALA C 31 -22.65 6.87 10.82
C ALA C 31 -22.54 8.03 11.80
N THR C 32 -22.19 7.72 13.04
CA THR C 32 -22.01 8.71 14.08
C THR C 32 -20.54 8.84 14.40
N LEU C 33 -20.03 10.07 14.40
CA LEU C 33 -18.63 10.36 14.69
C LEU C 33 -18.57 11.08 16.03
N SER C 34 -18.11 10.38 17.06
CA SER C 34 -18.09 10.90 18.42
C SER C 34 -16.68 11.32 18.79
N CYS C 35 -16.54 12.55 19.27
CA CYS C 35 -15.25 13.11 19.70
C CYS C 35 -15.38 13.50 21.17
N PHE C 36 -14.74 12.75 22.05
CA PHE C 36 -14.81 12.99 23.48
C PHE C 36 -13.59 13.81 23.92
N ILE C 37 -13.87 14.91 24.62
CA ILE C 37 -12.83 15.87 25.01
C ILE C 37 -12.98 16.19 26.49
N ASP C 38 -11.90 16.74 27.07
CA ASP C 38 -11.93 17.14 28.46
C ASP C 38 -12.49 18.56 28.58
N GLU C 39 -12.47 19.10 29.80
CA GLU C 39 -13.10 20.38 30.04
C GLU C 39 -12.27 21.53 29.50
N HIS C 40 -10.94 21.41 29.56
CA HIS C 40 -10.07 22.49 29.09
C HIS C 40 -9.77 22.33 27.60
N VAL C 41 -10.80 22.59 26.81
CA VAL C 41 -10.70 22.57 25.35
C VAL C 41 -11.30 23.86 24.81
N THR C 42 -10.51 24.61 24.05
CA THR C 42 -10.97 25.89 23.52
C THR C 42 -11.77 25.70 22.24
N ARG C 43 -11.24 24.93 21.29
CA ARG C 43 -11.85 24.74 19.99
C ARG C 43 -12.02 23.26 19.70
N VAL C 44 -12.93 22.94 18.78
CA VAL C 44 -13.16 21.56 18.36
C VAL C 44 -13.88 21.60 17.02
N ALA C 45 -13.64 20.60 16.19
CA ALA C 45 -14.24 20.55 14.87
C ALA C 45 -14.12 19.14 14.30
N TRP C 46 -15.08 18.77 13.46
CA TRP C 46 -15.06 17.52 12.71
C TRP C 46 -14.76 17.82 11.25
N LEU C 47 -13.89 17.00 10.65
CA LEU C 47 -13.40 17.24 9.29
C LEU C 47 -13.58 16.00 8.43
N ASN C 48 -13.99 16.23 7.18
CA ASN C 48 -14.17 15.20 6.17
C ASN C 48 -13.02 15.33 5.18
N ARG C 49 -12.08 14.40 5.24
CA ARG C 49 -10.80 14.50 4.51
C ARG C 49 -10.13 15.79 4.97
N SER C 50 -9.94 16.78 4.11
CA SER C 50 -9.37 18.07 4.51
C SER C 50 -10.41 19.18 4.52
N ASN C 51 -11.70 18.85 4.50
CA ASN C 51 -12.77 19.82 4.48
C ASN C 51 -13.54 19.78 5.79
N ILE C 52 -13.76 20.95 6.38
CA ILE C 52 -14.47 21.04 7.66
C ILE C 52 -15.94 20.72 7.45
N LEU C 53 -16.49 19.91 8.36
CA LEU C 53 -17.93 19.66 8.41
C LEU C 53 -18.60 20.60 9.42
N TYR C 54 -18.18 20.52 10.68
CA TYR C 54 -18.69 21.38 11.74
C TYR C 54 -17.50 21.93 12.52
N ALA C 55 -17.40 23.25 12.60
CA ALA C 55 -16.36 23.92 13.38
C ALA C 55 -17.02 24.42 14.66
N GLY C 56 -16.95 23.60 15.72
CA GLY C 56 -17.68 23.90 16.93
C GLY C 56 -19.17 23.89 16.70
N ASN C 57 -19.80 25.06 16.79
CA ASN C 57 -21.21 25.21 16.46
C ASN C 57 -21.44 25.75 15.06
N ASP C 58 -20.37 25.95 14.29
CA ASP C 58 -20.46 26.48 12.94
C ASP C 58 -20.56 25.34 11.94
N ARG C 59 -21.64 25.32 11.16
CA ARG C 59 -21.82 24.34 10.10
C ARG C 59 -21.13 24.84 8.84
N TRP C 60 -20.09 24.12 8.41
CA TRP C 60 -19.30 24.51 7.24
C TRP C 60 -19.75 23.84 5.95
N THR C 61 -20.05 22.54 5.99
CA THR C 61 -20.42 21.82 4.79
C THR C 61 -21.89 22.07 4.44
N SER C 62 -22.18 21.97 3.15
CA SER C 62 -23.53 22.16 2.62
C SER C 62 -24.31 20.86 2.49
N ASP C 63 -23.72 19.74 2.83
CA ASP C 63 -24.37 18.44 2.74
C ASP C 63 -25.40 18.27 3.85
N PRO C 64 -26.70 18.19 3.53
CA PRO C 64 -27.70 18.05 4.59
C PRO C 64 -27.62 16.73 5.37
N ARG C 65 -26.87 15.75 4.87
CA ARG C 65 -26.79 14.46 5.54
C ARG C 65 -25.97 14.50 6.82
N VAL C 66 -25.29 15.60 7.10
CA VAL C 66 -24.52 15.75 8.33
C VAL C 66 -25.35 16.51 9.34
N ARG C 67 -25.40 15.99 10.56
CA ARG C 67 -26.17 16.60 11.63
C ARG C 67 -25.29 16.73 12.86
N LEU C 68 -25.61 17.70 13.70
CA LEU C 68 -24.89 17.92 14.95
C LEU C 68 -25.72 17.38 16.11
N LEU C 69 -25.11 16.51 16.92
CA LEU C 69 -25.81 15.84 18.01
C LEU C 69 -25.46 16.41 19.38
N ILE C 70 -24.18 16.58 19.67
CA ILE C 70 -23.72 16.96 21.01
C ILE C 70 -22.67 18.06 20.90
N ASN C 71 -22.88 19.14 21.64
CA ASN C 71 -21.92 20.23 21.75
C ASN C 71 -21.44 20.38 23.20
N THR C 72 -21.62 19.35 24.02
CA THR C 72 -21.22 19.41 25.41
C THR C 72 -19.70 19.57 25.51
N PRO C 73 -19.19 20.38 26.45
CA PRO C 73 -17.74 20.50 26.63
C PRO C 73 -17.04 19.19 26.97
N GLU C 74 -17.81 18.10 27.01
CA GLU C 74 -17.28 16.76 27.22
C GLU C 74 -17.34 15.88 25.99
N GLU C 75 -18.14 16.24 24.98
CA GLU C 75 -18.29 15.41 23.79
C GLU C 75 -18.70 16.28 22.60
N PHE C 76 -18.20 15.91 21.43
CA PHE C 76 -18.54 16.59 20.17
C PHE C 76 -18.83 15.51 19.14
N SER C 77 -20.11 15.35 18.78
CA SER C 77 -20.53 14.25 17.92
C SER C 77 -21.37 14.75 16.75
N ILE C 78 -21.14 14.17 15.58
CA ILE C 78 -21.91 14.45 14.38
C ILE C 78 -22.51 13.16 13.86
N LEU C 79 -23.43 13.30 12.90
CA LEU C 79 -24.17 12.17 12.36
C LEU C 79 -24.11 12.20 10.84
N ILE C 80 -23.99 11.02 10.22
CA ILE C 80 -24.03 10.86 8.78
C ILE C 80 -25.23 10.00 8.43
N THR C 81 -26.07 10.48 7.53
CA THR C 81 -27.27 9.76 7.12
C THR C 81 -27.17 9.37 5.65
N GLU C 82 -27.65 8.17 5.34
CA GLU C 82 -27.59 7.62 3.99
C GLU C 82 -26.17 7.69 3.43
N VAL C 83 -25.27 6.97 4.11
CA VAL C 83 -23.86 7.01 3.75
C VAL C 83 -23.65 6.41 2.38
N GLY C 84 -22.77 7.04 1.58
CA GLY C 84 -22.41 6.56 0.28
C GLY C 84 -20.96 6.11 0.25
N LEU C 85 -20.61 5.41 -0.84
CA LEU C 85 -19.25 4.92 -0.98
C LEU C 85 -18.24 6.06 -1.06
N GLY C 86 -18.63 7.18 -1.67
CA GLY C 86 -17.72 8.30 -1.80
C GLY C 86 -17.38 8.94 -0.47
N ASP C 87 -18.24 8.75 0.54
CA ASP C 87 -17.98 9.30 1.86
C ASP C 87 -16.77 8.64 2.52
N GLU C 88 -16.41 7.43 2.09
CA GLU C 88 -15.32 6.71 2.71
C GLU C 88 -14.02 7.52 2.64
N GLY C 89 -13.37 7.65 3.79
CA GLY C 89 -12.14 8.42 3.88
C GLY C 89 -11.70 8.54 5.32
N LEU C 90 -10.77 9.46 5.55
CA LEU C 90 -10.24 9.71 6.89
C LEU C 90 -10.92 10.93 7.48
N TYR C 91 -11.66 10.74 8.58
CA TYR C 91 -12.35 11.80 9.29
C TYR C 91 -11.59 12.11 10.58
N THR C 92 -11.19 13.36 10.74
CA THR C 92 -10.43 13.78 11.91
C THR C 92 -11.25 14.72 12.77
N CYS C 93 -11.02 14.65 14.08
CA CYS C 93 -11.57 15.62 15.03
C CYS C 93 -10.41 16.44 15.56
N SER C 94 -10.27 17.67 15.05
CA SER C 94 -9.23 18.58 15.50
C SER C 94 -9.79 19.46 16.61
N PHE C 95 -9.14 19.44 17.77
CA PHE C 95 -9.54 20.28 18.89
C PHE C 95 -8.30 20.88 19.53
N GLN C 96 -8.50 22.00 20.23
CA GLN C 96 -7.41 22.83 20.71
C GLN C 96 -7.51 23.06 22.20
N THR C 97 -6.35 23.03 22.87
CA THR C 97 -6.19 23.46 24.25
C THR C 97 -5.42 24.78 24.26
N ARG C 98 -5.37 25.43 25.42
CA ARG C 98 -4.57 26.63 25.57
C ARG C 98 -3.09 26.36 25.31
N HIS C 99 -2.64 25.13 25.44
CA HIS C 99 -1.23 24.77 25.31
C HIS C 99 -0.92 23.95 24.07
N GLN C 100 -1.80 23.03 23.66
CA GLN C 100 -1.47 22.08 22.62
C GLN C 100 -2.68 21.77 21.74
N PRO C 101 -2.49 21.64 20.43
CA PRO C 101 -3.56 21.14 19.57
C PRO C 101 -3.62 19.62 19.56
N TYR C 102 -4.77 19.11 19.16
CA TYR C 102 -5.02 17.67 19.15
C TYR C 102 -5.87 17.28 17.95
N THR C 103 -5.70 16.03 17.51
CA THR C 103 -6.51 15.45 16.43
C THR C 103 -6.77 13.99 16.75
N THR C 104 -8.04 13.60 16.78
CA THR C 104 -8.45 12.20 16.87
C THR C 104 -9.08 11.81 15.54
N GLN C 105 -8.47 10.84 14.86
CA GLN C 105 -8.83 10.50 13.48
C GLN C 105 -9.60 9.19 13.43
N VAL C 106 -10.53 9.12 12.48
CA VAL C 106 -11.34 7.94 12.23
C VAL C 106 -11.43 7.75 10.72
N TYR C 107 -11.20 6.53 10.25
CA TYR C 107 -11.29 6.21 8.82
C TYR C 107 -12.62 5.52 8.56
N LEU C 108 -13.52 6.20 7.85
CA LEU C 108 -14.83 5.65 7.51
C LEU C 108 -14.68 4.69 6.34
N ILE C 109 -15.12 3.45 6.53
CA ILE C 109 -15.05 2.41 5.51
C ILE C 109 -16.48 1.98 5.21
N VAL C 110 -16.91 2.18 3.97
CA VAL C 110 -18.29 1.90 3.57
C VAL C 110 -18.36 0.51 2.97
N HIS C 111 -19.32 -0.28 3.44
CA HIS C 111 -19.64 -1.57 2.86
C HIS C 111 -20.96 -1.45 2.10
N VAL C 112 -21.00 -1.98 0.89
CA VAL C 112 -22.22 -2.10 0.11
C VAL C 112 -22.41 -3.56 -0.24
N PRO C 113 -23.61 -4.12 -0.07
CA PRO C 113 -23.81 -5.53 -0.41
C PRO C 113 -23.71 -5.79 -1.91
N ALA C 114 -23.30 -7.00 -2.25
CA ALA C 114 -23.09 -7.35 -3.66
C ALA C 114 -24.40 -7.30 -4.42
N ARG C 115 -24.32 -6.89 -5.68
CA ARG C 115 -25.51 -6.73 -6.52
C ARG C 115 -25.10 -6.81 -7.98
N ILE C 116 -25.86 -7.57 -8.76
CA ILE C 116 -25.63 -7.62 -10.20
C ILE C 116 -26.12 -6.33 -10.83
N VAL C 117 -25.28 -5.71 -11.65
CA VAL C 117 -25.65 -4.52 -12.39
C VAL C 117 -25.93 -4.83 -13.85
N ASN C 118 -25.07 -5.63 -14.48
CA ASN C 118 -25.27 -6.06 -15.87
C ASN C 118 -25.12 -7.57 -15.95
N ILE C 119 -26.04 -8.20 -16.68
CA ILE C 119 -26.01 -9.64 -16.93
C ILE C 119 -26.37 -9.89 -18.38
N SER C 120 -25.87 -11.00 -18.93
CA SER C 120 -26.12 -11.31 -20.33
C SER C 120 -27.60 -11.62 -20.56
N SER C 121 -28.09 -11.21 -21.72
CA SER C 121 -29.46 -11.48 -22.10
C SER C 121 -29.64 -12.95 -22.45
N PRO C 122 -30.87 -13.46 -22.42
CA PRO C 122 -31.11 -14.83 -22.87
C PRO C 122 -30.76 -14.98 -24.34
N VAL C 123 -29.91 -15.96 -24.65
CA VAL C 123 -29.33 -16.10 -25.97
C VAL C 123 -29.70 -17.46 -26.56
N THR C 124 -29.77 -17.48 -27.89
CA THR C 124 -29.99 -18.71 -28.66
C THR C 124 -28.89 -18.82 -29.71
N VAL C 125 -28.33 -20.02 -29.84
CA VAL C 125 -27.26 -20.27 -30.82
C VAL C 125 -27.52 -21.60 -31.52
N ASN C 126 -26.88 -21.76 -32.67
CA ASN C 126 -26.87 -23.03 -33.36
C ASN C 126 -25.73 -23.89 -32.82
N GLU C 127 -25.97 -25.20 -32.78
CA GLU C 127 -24.98 -26.11 -32.21
C GLU C 127 -23.65 -25.97 -32.92
N GLY C 128 -22.57 -25.94 -32.14
CA GLY C 128 -21.25 -25.65 -32.67
C GLY C 128 -20.86 -24.19 -32.62
N GLY C 129 -21.80 -23.30 -32.31
CA GLY C 129 -21.49 -21.89 -32.17
C GLY C 129 -20.79 -21.60 -30.85
N ASN C 130 -20.60 -20.30 -30.61
CA ASN C 130 -19.90 -19.84 -29.42
C ASN C 130 -20.77 -18.86 -28.66
N VAL C 131 -20.81 -19.01 -27.33
CA VAL C 131 -21.60 -18.17 -26.45
C VAL C 131 -20.67 -17.54 -25.42
N ASN C 132 -20.86 -16.25 -25.17
CA ASN C 132 -20.15 -15.53 -24.11
C ASN C 132 -21.17 -14.93 -23.15
N LEU C 133 -21.00 -15.21 -21.86
CA LEU C 133 -21.90 -14.74 -20.82
C LEU C 133 -21.14 -13.83 -19.87
N LEU C 134 -21.69 -12.63 -19.62
CA LEU C 134 -21.10 -11.68 -18.71
C LEU C 134 -21.99 -11.51 -17.49
N CYS C 135 -21.36 -11.35 -16.32
CA CYS C 135 -22.08 -11.11 -15.08
C CYS C 135 -21.32 -10.01 -14.32
N LEU C 136 -21.78 -8.78 -14.47
CA LEU C 136 -21.15 -7.62 -13.85
C LEU C 136 -21.83 -7.31 -12.52
N ALA C 137 -21.03 -7.24 -11.46
CA ALA C 137 -21.52 -6.89 -10.14
C ALA C 137 -20.52 -5.97 -9.46
N VAL C 138 -21.03 -4.92 -8.84
CA VAL C 138 -20.20 -3.94 -8.13
C VAL C 138 -20.57 -4.01 -6.65
N GLY C 139 -19.55 -3.99 -5.80
CA GLY C 139 -19.76 -4.09 -4.37
C GLY C 139 -18.48 -3.85 -3.62
N ARG C 140 -18.64 -3.42 -2.36
CA ARG C 140 -17.51 -3.15 -1.48
C ARG C 140 -17.65 -3.99 -0.22
N PRO C 141 -16.70 -4.90 0.08
CA PRO C 141 -15.48 -5.15 -0.72
C PRO C 141 -15.77 -5.82 -2.05
N GLU C 142 -14.76 -5.91 -2.92
CA GLU C 142 -14.97 -6.42 -4.26
C GLU C 142 -15.54 -7.83 -4.22
N PRO C 143 -16.57 -8.13 -5.01
CA PRO C 143 -17.16 -9.46 -5.01
C PRO C 143 -16.59 -10.38 -6.07
N THR C 144 -16.55 -11.67 -5.75
CA THR C 144 -16.10 -12.69 -6.69
C THR C 144 -17.30 -13.22 -7.46
N VAL C 145 -17.21 -13.20 -8.79
CA VAL C 145 -18.28 -13.62 -9.68
C VAL C 145 -18.08 -15.07 -10.06
N THR C 146 -19.18 -15.84 -10.04
CA THR C 146 -19.12 -17.26 -10.34
C THR C 146 -20.30 -17.65 -11.22
N TRP C 147 -20.01 -18.37 -12.30
CA TRP C 147 -21.02 -18.90 -13.20
C TRP C 147 -21.32 -20.36 -12.85
N ARG C 148 -22.57 -20.74 -12.96
CA ARG C 148 -22.99 -22.08 -12.56
C ARG C 148 -24.10 -22.60 -13.46
N GLN C 149 -24.09 -23.91 -13.68
CA GLN C 149 -25.17 -24.60 -14.35
C GLN C 149 -26.10 -25.22 -13.32
N LEU C 150 -27.35 -25.47 -13.73
CA LEU C 150 -28.33 -25.98 -12.80
C LEU C 150 -28.34 -27.50 -12.71
N ARG C 151 -28.21 -28.18 -13.84
CA ARG C 151 -28.16 -29.64 -13.87
C ARG C 151 -26.74 -30.09 -14.20
N ASP C 152 -26.20 -31.00 -13.39
CA ASP C 152 -24.78 -31.35 -13.44
C ASP C 152 -23.95 -30.07 -13.45
N GLY C 153 -24.20 -29.21 -12.47
CA GLY C 153 -23.84 -27.80 -12.57
C GLY C 153 -22.38 -27.51 -12.28
N PHE C 154 -21.76 -26.77 -13.18
CA PHE C 154 -20.32 -26.49 -13.15
C PHE C 154 -20.06 -25.07 -12.65
N THR C 155 -18.81 -24.81 -12.28
CA THR C 155 -18.43 -23.51 -11.75
C THR C 155 -17.13 -23.04 -12.38
N SER C 156 -17.09 -21.79 -12.80
CA SER C 156 -15.87 -21.15 -13.27
C SER C 156 -15.82 -19.75 -12.67
N GLU C 157 -14.78 -19.47 -11.88
CA GLU C 157 -14.64 -18.18 -11.22
C GLU C 157 -14.12 -17.16 -12.22
N GLY C 158 -15.05 -16.40 -12.81
CA GLY C 158 -14.69 -15.36 -13.76
C GLY C 158 -15.88 -14.49 -14.09
N GLU C 159 -15.63 -13.22 -14.42
CA GLU C 159 -16.73 -12.33 -14.78
C GLU C 159 -17.39 -12.79 -16.07
N ILE C 160 -16.61 -13.23 -17.04
CA ILE C 160 -17.11 -13.65 -18.34
C ILE C 160 -16.90 -15.15 -18.50
N LEU C 161 -17.82 -15.80 -19.19
CA LEU C 161 -17.77 -17.22 -19.47
C LEU C 161 -18.02 -17.43 -20.95
N GLU C 162 -17.04 -17.98 -21.66
CA GLU C 162 -17.15 -18.25 -23.08
C GLU C 162 -17.21 -19.76 -23.31
N ILE C 163 -18.18 -20.20 -24.10
CA ILE C 163 -18.35 -21.60 -24.44
C ILE C 163 -18.02 -21.77 -25.92
N SER C 164 -17.18 -22.76 -26.23
CA SER C 164 -16.74 -23.00 -27.60
C SER C 164 -17.28 -24.33 -28.10
N ASP C 165 -17.84 -24.33 -29.30
CA ASP C 165 -18.41 -25.52 -29.91
C ASP C 165 -19.43 -26.18 -28.99
N ILE C 166 -20.45 -25.39 -28.63
CA ILE C 166 -21.45 -25.85 -27.67
C ILE C 166 -22.22 -27.01 -28.26
N GLN C 167 -22.51 -28.01 -27.42
CA GLN C 167 -23.30 -29.16 -27.83
C GLN C 167 -24.76 -28.95 -27.43
N ARG C 168 -25.60 -29.94 -27.78
CA ARG C 168 -27.03 -29.84 -27.50
C ARG C 168 -27.30 -29.95 -26.00
N GLY C 169 -26.61 -30.86 -25.32
CA GLY C 169 -26.84 -31.05 -23.89
C GLY C 169 -26.39 -29.89 -23.03
N GLN C 170 -25.48 -29.05 -23.53
CA GLN C 170 -25.00 -27.92 -22.73
C GLN C 170 -26.08 -26.85 -22.54
N ALA C 171 -27.04 -26.78 -23.46
CA ALA C 171 -28.07 -25.75 -23.37
C ALA C 171 -28.88 -25.91 -22.11
N GLY C 172 -29.14 -24.78 -21.45
CA GLY C 172 -29.89 -24.79 -20.20
C GLY C 172 -29.82 -23.43 -19.54
N GLU C 173 -30.17 -23.39 -18.28
CA GLU C 173 -30.12 -22.15 -17.51
C GLU C 173 -28.80 -22.09 -16.74
N TYR C 174 -28.04 -21.03 -16.96
CA TYR C 174 -26.79 -20.78 -16.27
C TYR C 174 -27.02 -19.63 -15.28
N GLU C 175 -27.03 -19.96 -13.99
CA GLU C 175 -27.22 -18.95 -12.95
C GLU C 175 -25.87 -18.37 -12.53
N CYS C 176 -25.84 -17.06 -12.37
CA CYS C 176 -24.66 -16.36 -11.89
C CYS C 176 -24.80 -16.06 -10.41
N VAL C 177 -23.73 -16.23 -9.66
CA VAL C 177 -23.70 -15.91 -8.23
C VAL C 177 -22.46 -15.08 -7.96
N THR C 178 -22.63 -14.03 -7.15
CA THR C 178 -21.53 -13.22 -6.65
C THR C 178 -21.42 -13.40 -5.16
N HIS C 179 -20.24 -13.10 -4.61
CA HIS C 179 -19.98 -13.31 -3.20
C HIS C 179 -19.57 -12.00 -2.53
N ASN C 180 -20.25 -11.67 -1.43
CA ASN C 180 -19.88 -10.56 -0.58
C ASN C 180 -19.83 -11.06 0.86
N GLY C 181 -19.37 -10.17 1.76
CA GLY C 181 -19.21 -10.56 3.15
C GLY C 181 -20.52 -10.79 3.88
N VAL C 182 -21.57 -10.07 3.49
CA VAL C 182 -22.86 -10.21 4.16
C VAL C 182 -23.43 -11.60 3.90
N ASN C 183 -23.82 -12.28 4.98
CA ASN C 183 -24.30 -13.66 4.85
C ASN C 183 -25.68 -13.72 4.23
N SER C 184 -26.54 -12.75 4.51
CA SER C 184 -27.91 -12.75 4.02
C SER C 184 -28.09 -11.93 2.76
N ALA C 185 -27.01 -11.48 2.13
CA ALA C 185 -27.15 -10.69 0.91
C ALA C 185 -26.54 -11.27 -0.36
N PRO C 186 -26.44 -12.60 -0.56
CA PRO C 186 -26.03 -13.08 -1.88
C PRO C 186 -27.10 -12.79 -2.93
N ASP C 187 -26.68 -12.22 -4.04
CA ASP C 187 -27.56 -11.90 -5.16
C ASP C 187 -27.27 -12.85 -6.30
N SER C 188 -28.31 -13.55 -6.77
CA SER C 188 -28.17 -14.53 -7.82
C SER C 188 -29.15 -14.23 -8.95
N ARG C 189 -28.66 -14.34 -10.18
CA ARG C 189 -29.48 -14.16 -11.38
C ARG C 189 -29.17 -15.29 -12.36
N ARG C 190 -30.19 -15.74 -13.06
CA ARG C 190 -30.09 -16.87 -13.97
C ARG C 190 -30.46 -16.45 -15.38
N VAL C 191 -29.73 -16.97 -16.37
CA VAL C 191 -30.01 -16.72 -17.77
C VAL C 191 -30.15 -18.06 -18.48
N LEU C 192 -30.98 -18.08 -19.52
CA LEU C 192 -31.30 -19.30 -20.24
C LEU C 192 -30.54 -19.34 -21.58
N VAL C 193 -29.84 -20.44 -21.82
CA VAL C 193 -29.14 -20.67 -23.07
C VAL C 193 -29.82 -21.84 -23.79
N THR C 194 -30.37 -21.57 -24.97
CA THR C 194 -31.03 -22.58 -25.78
C THR C 194 -30.26 -22.73 -27.09
N VAL C 195 -29.55 -23.83 -27.23
CA VAL C 195 -28.80 -24.11 -28.45
C VAL C 195 -29.75 -24.77 -29.45
N ASN C 196 -29.49 -24.55 -30.74
CA ASN C 196 -30.29 -25.12 -31.81
C ASN C 196 -29.49 -26.17 -32.56
N TYR C 197 -30.18 -27.21 -33.04
CA TYR C 197 -29.48 -28.31 -33.70
C TYR C 197 -30.43 -29.02 -34.65
N PRO C 198 -29.91 -29.64 -35.72
CA PRO C 198 -30.78 -30.39 -36.63
C PRO C 198 -31.21 -31.70 -35.99
N PRO C 199 -32.35 -32.24 -36.40
CA PRO C 199 -32.84 -33.47 -35.77
C PRO C 199 -31.96 -34.67 -36.06
N THR C 200 -31.79 -35.52 -35.05
CA THR C 200 -31.13 -36.81 -35.20
C THR C 200 -32.09 -37.87 -34.68
N ILE C 201 -32.45 -38.80 -35.56
CA ILE C 201 -33.45 -39.81 -35.22
C ILE C 201 -32.89 -40.73 -34.14
N THR C 202 -33.60 -40.80 -33.01
CA THR C 202 -33.17 -41.61 -31.88
C THR C 202 -33.77 -43.01 -31.90
N ASP C 203 -35.09 -43.11 -32.06
CA ASP C 203 -35.79 -44.38 -32.02
C ASP C 203 -36.80 -44.45 -33.15
N VAL C 204 -36.87 -45.62 -33.80
CA VAL C 204 -37.82 -45.91 -34.88
C VAL C 204 -38.35 -47.31 -34.67
N THR C 205 -39.63 -47.52 -34.95
CA THR C 205 -40.27 -48.81 -34.73
C THR C 205 -41.06 -49.24 -35.96
N SER C 206 -40.83 -50.47 -36.39
CA SER C 206 -41.59 -51.08 -37.48
C SER C 206 -42.29 -52.32 -36.97
N ALA C 207 -43.52 -52.56 -37.44
CA ALA C 207 -44.37 -53.61 -36.91
C ALA C 207 -44.66 -54.67 -37.95
N ARG C 208 -44.69 -55.92 -37.51
CA ARG C 208 -45.14 -57.06 -38.31
C ARG C 208 -46.42 -57.59 -37.69
N THR C 209 -47.56 -57.15 -38.21
CA THR C 209 -48.86 -57.47 -37.64
C THR C 209 -49.74 -58.14 -38.69
N ALA C 210 -50.71 -58.92 -38.20
CA ALA C 210 -51.62 -59.63 -39.08
C ALA C 210 -52.62 -58.66 -39.71
N LEU C 211 -53.15 -59.05 -40.86
CA LEU C 211 -54.13 -58.24 -41.57
C LEU C 211 -55.41 -58.13 -40.77
N GLY C 212 -56.08 -56.98 -40.91
CA GLY C 212 -57.27 -56.69 -40.14
C GLY C 212 -57.01 -56.19 -38.74
N ARG C 213 -55.75 -56.01 -38.36
CA ARG C 213 -55.38 -55.55 -37.03
C ARG C 213 -54.64 -54.22 -37.13
N ALA C 214 -55.00 -53.29 -36.26
CA ALA C 214 -54.39 -51.97 -36.29
C ALA C 214 -52.90 -52.06 -35.94
N ALA C 215 -52.10 -51.27 -36.64
CA ALA C 215 -50.66 -51.20 -36.43
C ALA C 215 -50.21 -49.75 -36.47
N LEU C 216 -48.99 -49.49 -36.03
CA LEU C 216 -48.48 -48.13 -35.98
C LEU C 216 -46.98 -48.11 -36.21
N LEU C 217 -46.54 -47.11 -36.96
CA LEU C 217 -45.12 -46.82 -37.18
C LEU C 217 -44.74 -45.54 -36.45
N ARG C 218 -43.47 -45.42 -36.08
CA ARG C 218 -43.06 -44.32 -35.22
C ARG C 218 -41.62 -43.91 -35.51
N CYS C 219 -41.36 -42.62 -35.36
CA CYS C 219 -40.02 -42.05 -35.41
C CYS C 219 -39.83 -41.11 -34.24
N GLU C 220 -38.60 -41.04 -33.74
CA GLU C 220 -38.25 -40.17 -32.63
C GLU C 220 -36.97 -39.40 -32.98
N ALA C 221 -37.12 -38.10 -33.25
CA ALA C 221 -35.98 -37.24 -33.54
C ALA C 221 -36.21 -35.91 -32.83
N MET C 222 -35.38 -35.63 -31.83
CA MET C 222 -35.48 -34.38 -31.08
C MET C 222 -34.69 -33.29 -31.80
N ALA C 223 -35.28 -32.10 -31.86
CA ALA C 223 -34.66 -30.97 -32.54
C ALA C 223 -35.19 -29.67 -31.97
N VAL C 224 -34.39 -28.62 -32.08
CA VAL C 224 -34.82 -27.27 -31.71
C VAL C 224 -34.39 -26.29 -32.80
N PRO C 225 -35.32 -25.59 -33.46
CA PRO C 225 -36.78 -25.69 -33.26
C PRO C 225 -37.31 -27.09 -33.62
N PRO C 226 -38.45 -27.48 -33.03
CA PRO C 226 -38.93 -28.86 -33.20
C PRO C 226 -39.00 -29.27 -34.66
N ALA C 227 -38.53 -30.49 -34.92
CA ALA C 227 -38.40 -30.97 -36.29
C ALA C 227 -39.76 -31.20 -36.92
N ASP C 228 -39.94 -30.69 -38.13
CA ASP C 228 -41.16 -30.95 -38.91
C ASP C 228 -41.02 -32.29 -39.60
N PHE C 229 -41.85 -33.25 -39.20
CA PHE C 229 -41.72 -34.63 -39.68
C PHE C 229 -42.52 -34.83 -40.97
N GLN C 230 -41.89 -35.51 -41.93
CA GLN C 230 -42.53 -35.90 -43.18
C GLN C 230 -42.48 -37.41 -43.31
N TRP C 231 -43.55 -37.99 -43.85
CA TRP C 231 -43.69 -39.44 -43.98
C TRP C 231 -43.70 -39.83 -45.45
N TYR C 232 -42.91 -40.85 -45.79
CA TYR C 232 -42.83 -41.37 -47.15
C TYR C 232 -43.03 -42.88 -47.17
N LYS C 233 -43.83 -43.34 -48.12
CA LYS C 233 -44.04 -44.76 -48.39
C LYS C 233 -43.53 -45.05 -49.79
N ASP C 234 -42.58 -45.99 -49.90
CA ASP C 234 -41.90 -46.28 -51.16
C ASP C 234 -41.37 -44.99 -51.77
N ASP C 235 -41.87 -44.63 -52.96
CA ASP C 235 -41.40 -43.43 -53.65
C ASP C 235 -41.83 -42.17 -52.91
N ARG C 236 -43.11 -42.08 -52.55
CA ARG C 236 -43.63 -40.89 -51.89
C ARG C 236 -44.94 -41.22 -51.19
N LEU C 237 -45.29 -40.39 -50.21
CA LEU C 237 -46.51 -40.56 -49.42
C LEU C 237 -47.22 -39.22 -49.29
N LEU C 238 -48.55 -39.26 -49.41
CA LEU C 238 -49.38 -38.08 -49.24
C LEU C 238 -49.63 -37.81 -47.76
N SER C 239 -50.21 -36.66 -47.47
CA SER C 239 -50.37 -36.17 -46.11
C SER C 239 -51.85 -36.21 -45.73
N SER C 240 -52.17 -36.99 -44.69
CA SER C 240 -53.51 -37.00 -44.09
C SER C 240 -54.60 -37.33 -45.11
N GLY C 241 -54.31 -38.29 -46.00
CA GLY C 241 -55.28 -38.69 -46.99
C GLY C 241 -56.37 -39.57 -46.39
N THR C 242 -57.59 -39.37 -46.90
CA THR C 242 -58.71 -40.20 -46.43
C THR C 242 -58.53 -41.66 -46.83
N ALA C 243 -57.92 -41.91 -47.98
CA ALA C 243 -57.70 -43.28 -48.43
C ALA C 243 -56.60 -43.95 -47.62
N GLU C 244 -56.55 -45.27 -47.73
CA GLU C 244 -55.58 -46.15 -47.06
C GLU C 244 -55.75 -46.19 -45.55
N GLY C 245 -56.79 -45.54 -45.01
CA GLY C 245 -57.10 -45.59 -43.60
C GLY C 245 -55.95 -45.26 -42.68
N LEU C 246 -55.27 -44.14 -42.95
CA LEU C 246 -54.10 -43.73 -42.20
C LEU C 246 -54.36 -42.43 -41.45
N LYS C 247 -53.68 -42.28 -40.31
CA LYS C 247 -53.75 -41.06 -39.51
C LYS C 247 -52.37 -40.81 -38.92
N VAL C 248 -51.91 -39.56 -39.02
CA VAL C 248 -50.59 -39.16 -38.55
C VAL C 248 -50.75 -38.31 -37.29
N GLN C 249 -49.96 -38.62 -36.27
CA GLN C 249 -49.96 -37.88 -35.02
C GLN C 249 -48.59 -37.24 -34.84
N THR C 250 -48.56 -35.92 -34.75
CA THR C 250 -47.33 -35.16 -34.67
C THR C 250 -47.12 -34.66 -33.24
N GLU C 251 -45.94 -34.92 -32.68
CA GLU C 251 -45.59 -34.51 -31.34
C GLU C 251 -44.29 -33.72 -31.39
N ARG C 252 -43.83 -33.28 -30.21
CA ARG C 252 -42.64 -32.46 -30.14
C ARG C 252 -41.40 -33.23 -30.55
N THR C 253 -41.25 -34.47 -30.05
CA THR C 253 -40.07 -35.28 -30.32
C THR C 253 -40.35 -36.50 -31.17
N ARG C 254 -41.61 -36.74 -31.55
CA ARG C 254 -41.95 -37.98 -32.24
C ARG C 254 -43.15 -37.74 -33.15
N SER C 255 -43.22 -38.56 -34.21
CA SER C 255 -44.38 -38.59 -35.09
C SER C 255 -44.84 -40.04 -35.22
N MET C 256 -46.13 -40.27 -35.01
CA MET C 256 -46.71 -41.60 -35.04
C MET C 256 -47.60 -41.74 -36.27
N LEU C 257 -47.36 -42.78 -37.05
CA LEU C 257 -48.22 -43.13 -38.18
C LEU C 257 -49.14 -44.26 -37.74
N LEU C 258 -50.43 -43.95 -37.60
CA LEU C 258 -51.41 -44.89 -37.07
C LEU C 258 -52.20 -45.51 -38.22
N PHE C 259 -52.31 -46.84 -38.20
CA PHE C 259 -53.03 -47.60 -39.22
C PHE C 259 -54.29 -48.20 -38.62
N ALA C 260 -55.42 -47.98 -39.30
CA ALA C 260 -56.70 -48.57 -38.91
C ALA C 260 -56.99 -49.75 -39.83
N ASN C 261 -57.25 -50.92 -39.22
CA ASN C 261 -57.55 -52.16 -39.94
C ASN C 261 -56.35 -52.45 -40.85
N VAL C 262 -56.54 -52.82 -42.11
CA VAL C 262 -55.44 -53.14 -43.00
C VAL C 262 -55.91 -53.04 -44.44
N SER C 263 -54.96 -52.89 -45.35
CA SER C 263 -55.21 -52.94 -46.79
C SER C 263 -54.03 -53.62 -47.45
N ALA C 264 -54.27 -54.15 -48.66
CA ALA C 264 -53.20 -54.81 -49.40
C ALA C 264 -52.07 -53.84 -49.75
N ARG C 265 -52.41 -52.59 -50.04
CA ARG C 265 -51.42 -51.57 -50.35
C ARG C 265 -50.66 -51.09 -49.11
N HIS C 266 -51.16 -51.38 -47.91
CA HIS C 266 -50.50 -50.89 -46.70
C HIS C 266 -49.11 -51.50 -46.54
N TYR C 267 -48.96 -52.77 -46.86
CA TYR C 267 -47.64 -53.42 -46.76
C TYR C 267 -46.65 -52.76 -47.71
N GLY C 268 -45.40 -52.67 -47.27
CA GLY C 268 -44.36 -52.05 -48.06
C GLY C 268 -43.38 -51.25 -47.23
N ASN C 269 -42.35 -50.72 -47.87
CA ASN C 269 -41.34 -49.94 -47.17
C ASN C 269 -41.87 -48.56 -46.82
N TYR C 270 -41.43 -48.05 -45.66
CA TYR C 270 -41.82 -46.73 -45.19
C TYR C 270 -40.60 -45.99 -44.67
N THR C 271 -40.52 -44.69 -44.97
CA THR C 271 -39.47 -43.84 -44.45
C THR C 271 -40.08 -42.58 -43.85
N CYS C 272 -39.53 -42.13 -42.73
CA CYS C 272 -39.90 -40.87 -42.12
C CYS C 272 -38.76 -39.88 -42.30
N ARG C 273 -39.10 -38.59 -42.33
CA ARG C 273 -38.10 -37.53 -42.50
C ARG C 273 -38.33 -36.46 -41.45
N ALA C 274 -37.33 -36.20 -40.64
CA ALA C 274 -37.35 -35.14 -39.64
C ALA C 274 -36.48 -33.98 -40.15
N ALA C 275 -37.07 -32.80 -40.22
CA ALA C 275 -36.38 -31.64 -40.78
C ALA C 275 -36.63 -30.41 -39.91
N ASN C 276 -35.57 -29.65 -39.66
CA ASN C 276 -35.68 -28.37 -38.97
C ASN C 276 -35.14 -27.27 -39.86
N ARG C 277 -34.83 -26.11 -39.28
CA ARG C 277 -34.32 -25.01 -40.10
C ARG C 277 -32.90 -25.29 -40.58
N LEU C 278 -32.15 -26.15 -39.89
CA LEU C 278 -30.74 -26.33 -40.17
C LEU C 278 -30.38 -27.70 -40.75
N GLY C 279 -31.29 -28.66 -40.77
CA GLY C 279 -30.94 -29.96 -41.31
C GLY C 279 -32.15 -30.86 -41.44
N ALA C 280 -31.88 -32.06 -41.96
CA ALA C 280 -32.91 -33.08 -42.15
C ALA C 280 -32.28 -34.46 -42.00
N SER C 281 -33.12 -35.43 -41.61
CA SER C 281 -32.69 -36.80 -41.45
C SER C 281 -33.81 -37.74 -41.90
N SER C 282 -33.46 -39.01 -42.11
CA SER C 282 -34.43 -39.99 -42.58
C SER C 282 -34.08 -41.36 -42.04
N ALA C 283 -35.12 -42.19 -41.86
CA ALA C 283 -34.97 -43.54 -41.36
C ALA C 283 -35.82 -44.48 -42.20
N SER C 284 -35.42 -45.75 -42.24
CA SER C 284 -36.09 -46.76 -43.04
C SER C 284 -36.80 -47.76 -42.13
N MET C 285 -38.04 -48.07 -42.47
CA MET C 285 -38.88 -48.95 -41.65
C MET C 285 -39.68 -49.92 -42.52
N ALA D 11 7.59 48.98 0.67
CA ALA D 11 7.64 48.31 -0.62
C ALA D 11 8.33 46.95 -0.50
N VAL D 12 7.82 46.10 0.39
CA VAL D 12 8.41 44.79 0.62
C VAL D 12 7.39 43.85 1.24
N ASP D 13 7.06 42.79 0.51
CA ASP D 13 6.19 41.73 1.00
C ASP D 13 6.67 40.42 0.37
N PHE D 14 5.96 39.34 0.65
CA PHE D 14 6.47 38.11 0.04
C PHE D 14 5.80 37.87 -1.30
N PRO D 15 6.41 37.07 -2.17
CA PRO D 15 5.82 36.84 -3.50
C PRO D 15 4.40 36.28 -3.40
N TRP D 16 3.53 36.77 -4.28
CA TRP D 16 2.12 36.43 -4.26
C TRP D 16 1.77 35.28 -5.20
N ALA D 17 2.76 34.54 -5.69
CA ALA D 17 2.52 33.43 -6.60
C ALA D 17 2.20 32.16 -5.81
N ALA D 18 1.09 31.51 -6.15
CA ALA D 18 0.73 30.27 -5.49
C ALA D 18 1.70 29.17 -5.88
N VAL D 19 2.05 28.32 -4.90
CA VAL D 19 3.07 27.29 -5.06
C VAL D 19 2.55 26.00 -4.47
N ASP D 20 2.90 24.87 -5.10
CA ASP D 20 2.55 23.56 -4.57
C ASP D 20 3.61 23.04 -3.59
N ASN D 21 4.88 23.25 -3.87
CA ASN D 21 5.99 22.83 -3.02
C ASN D 21 6.94 24.00 -2.82
N MET D 22 6.93 24.59 -1.63
CA MET D 22 7.80 25.72 -1.34
C MET D 22 8.92 25.31 -0.40
N MET D 23 10.11 25.88 -0.63
CA MET D 23 11.32 25.54 0.10
C MET D 23 11.87 26.80 0.74
N VAL D 24 12.19 26.72 2.04
CA VAL D 24 12.64 27.87 2.82
C VAL D 24 13.78 27.45 3.75
N ARG D 25 14.41 28.45 4.35
CA ARG D 25 15.50 28.24 5.30
C ARG D 25 14.97 28.19 6.72
N LYS D 26 15.71 27.49 7.58
CA LYS D 26 15.39 27.51 8.99
C LYS D 26 15.54 28.91 9.55
N GLY D 27 14.61 29.32 10.41
CA GLY D 27 14.64 30.64 10.99
C GLY D 27 14.10 31.75 10.11
N ASP D 28 13.94 31.51 8.82
CA ASP D 28 13.32 32.49 7.94
C ASP D 28 11.81 32.53 8.18
N THR D 29 11.13 33.40 7.44
CA THR D 29 9.69 33.52 7.52
C THR D 29 9.09 33.08 6.18
N ALA D 30 8.10 32.19 6.25
CA ALA D 30 7.45 31.67 5.06
C ALA D 30 6.03 32.21 4.97
N VAL D 31 5.58 32.48 3.75
CA VAL D 31 4.22 32.95 3.49
C VAL D 31 3.57 31.98 2.51
N LEU D 32 2.44 31.41 2.91
CA LEU D 32 1.71 30.44 2.11
C LEU D 32 0.43 31.11 1.61
N ARG D 33 0.38 31.39 0.31
CA ARG D 33 -0.75 32.08 -0.29
C ARG D 33 -1.90 31.12 -0.56
N CYS D 34 -3.12 31.57 -0.30
CA CYS D 34 -4.31 30.79 -0.62
C CYS D 34 -5.45 31.77 -0.93
N TYR D 35 -5.57 32.14 -2.20
CA TYR D 35 -6.64 33.05 -2.61
C TYR D 35 -7.92 32.27 -2.82
N LEU D 36 -9.00 32.71 -2.17
CA LEU D 36 -10.28 32.03 -2.24
C LEU D 36 -11.16 32.68 -3.30
N GLU D 37 -12.37 32.14 -3.44
CA GLU D 37 -13.27 32.50 -4.53
C GLU D 37 -14.11 33.73 -4.16
N ASP D 38 -14.79 34.25 -5.17
CA ASP D 38 -15.67 35.41 -4.99
C ASP D 38 -16.87 35.04 -4.13
N GLY D 39 -17.45 36.05 -3.50
CA GLY D 39 -18.50 35.85 -2.53
C GLY D 39 -18.02 35.74 -1.10
N ALA D 40 -16.73 36.01 -0.84
CA ALA D 40 -16.16 35.97 0.51
C ALA D 40 -16.43 34.64 1.20
N SER D 41 -16.24 33.55 0.47
CA SER D 41 -16.34 32.22 1.05
C SER D 41 -15.42 32.12 2.26
N LYS D 42 -15.79 31.30 3.24
CA LYS D 42 -14.96 31.12 4.41
C LYS D 42 -13.93 30.02 4.16
N GLY D 43 -12.68 30.31 4.53
CA GLY D 43 -11.58 29.39 4.34
C GLY D 43 -10.90 29.03 5.64
N ALA D 44 -10.02 28.03 5.57
CA ALA D 44 -9.35 27.51 6.76
C ALA D 44 -8.02 26.90 6.36
N TRP D 45 -6.98 27.24 7.11
CA TRP D 45 -5.66 26.64 6.93
C TRP D 45 -5.51 25.42 7.83
N LEU D 46 -4.76 24.43 7.35
CA LEU D 46 -4.56 23.18 8.08
C LEU D 46 -3.08 22.83 8.09
N ASN D 47 -2.52 22.66 9.29
CA ASN D 47 -1.20 22.08 9.46
C ASN D 47 -1.37 20.59 9.69
N ARG D 48 -0.89 19.80 8.73
CA ARG D 48 -1.19 18.38 8.68
C ARG D 48 -2.71 18.22 8.78
N SER D 49 -3.21 17.68 9.89
CA SER D 49 -4.64 17.47 10.07
C SER D 49 -5.25 18.33 11.16
N SER D 50 -4.46 19.17 11.83
CA SER D 50 -4.96 20.04 12.89
C SER D 50 -5.19 21.45 12.36
N ILE D 51 -6.32 22.05 12.76
CA ILE D 51 -6.71 23.35 12.24
C ILE D 51 -5.79 24.42 12.81
N ILE D 52 -5.18 25.21 11.93
CA ILE D 52 -4.46 26.41 12.34
C ILE D 52 -5.43 27.59 12.47
N PHE D 53 -6.29 27.74 11.48
CA PHE D 53 -7.22 28.86 11.38
C PHE D 53 -8.53 28.36 10.80
N ALA D 54 -9.63 28.99 11.22
CA ALA D 54 -10.95 28.72 10.65
C ALA D 54 -11.58 30.08 10.38
N GLY D 55 -11.27 30.63 9.21
CA GLY D 55 -11.71 31.97 8.91
C GLY D 55 -11.06 32.96 9.85
N GLY D 56 -11.89 33.72 10.57
CA GLY D 56 -11.36 34.72 11.48
C GLY D 56 -10.70 34.12 12.70
N ASP D 57 -11.23 33.02 13.20
CA ASP D 57 -10.72 32.41 14.42
C ASP D 57 -9.30 31.88 14.22
N LYS D 58 -8.51 31.94 15.30
CA LYS D 58 -7.14 31.44 15.30
C LYS D 58 -7.10 30.22 16.23
N TRP D 59 -7.24 29.03 15.64
CA TRP D 59 -7.07 27.80 16.40
C TRP D 59 -5.69 27.72 17.03
N SER D 60 -4.66 28.09 16.27
CA SER D 60 -3.28 27.93 16.72
C SER D 60 -2.95 28.92 17.83
N VAL D 61 -1.99 28.52 18.67
CA VAL D 61 -1.48 29.35 19.76
C VAL D 61 -0.06 29.81 19.52
N ASP D 62 0.56 29.37 18.43
CA ASP D 62 1.94 29.75 18.15
C ASP D 62 2.02 31.22 17.78
N PRO D 63 2.90 32.00 18.40
CA PRO D 63 2.99 33.43 18.09
C PRO D 63 3.63 33.74 16.75
N ARG D 64 4.06 32.73 15.98
CA ARG D 64 4.69 32.97 14.69
C ARG D 64 3.71 32.90 13.53
N VAL D 65 2.58 32.22 13.69
CA VAL D 65 1.61 32.06 12.63
C VAL D 65 0.60 33.19 12.68
N SER D 66 0.13 33.61 11.51
CA SER D 66 -0.79 34.74 11.41
C SER D 66 -1.39 34.74 10.02
N ILE D 67 -2.43 35.57 9.85
CA ILE D 67 -3.14 35.72 8.59
C ILE D 67 -3.01 37.16 8.13
N SER D 68 -2.63 37.35 6.88
CA SER D 68 -2.58 38.67 6.25
C SER D 68 -3.65 38.70 5.17
N THR D 69 -4.76 39.35 5.46
CA THR D 69 -5.88 39.50 4.52
C THR D 69 -5.90 40.94 4.04
N LEU D 70 -5.17 41.22 2.96
CA LEU D 70 -5.18 42.56 2.38
C LEU D 70 -6.55 42.88 1.80
N ASN D 71 -7.24 41.88 1.25
CA ASN D 71 -8.57 42.05 0.69
C ASN D 71 -9.43 40.89 1.15
N LYS D 72 -10.74 41.00 0.91
CA LYS D 72 -11.65 39.90 1.24
C LYS D 72 -11.27 38.63 0.48
N ARG D 73 -10.84 38.78 -0.78
CA ARG D 73 -10.44 37.63 -1.57
C ARG D 73 -9.09 37.08 -1.14
N ASP D 74 -8.25 37.90 -0.52
CA ASP D 74 -6.92 37.45 -0.10
C ASP D 74 -7.01 36.64 1.19
N TYR D 75 -6.25 35.55 1.22
CA TYR D 75 -6.10 34.71 2.41
C TYR D 75 -4.67 34.19 2.39
N SER D 76 -3.92 34.44 3.45
CA SER D 76 -2.51 34.11 3.45
C SER D 76 -2.07 33.72 4.85
N LEU D 77 -1.11 32.80 4.92
CA LEU D 77 -0.55 32.30 6.17
C LEU D 77 0.92 32.64 6.22
N GLN D 78 1.35 33.26 7.32
CA GLN D 78 2.73 33.67 7.51
C GLN D 78 3.30 32.96 8.73
N ILE D 79 4.37 32.20 8.54
CA ILE D 79 5.07 31.50 9.61
C ILE D 79 6.43 32.15 9.75
N GLN D 80 6.58 33.03 10.73
CA GLN D 80 7.87 33.60 11.03
C GLN D 80 8.75 32.59 11.78
N ASN D 81 10.06 32.76 11.63
CA ASN D 81 11.04 31.90 12.29
C ASN D 81 10.70 30.42 12.10
N VAL D 82 10.52 30.03 10.83
CA VAL D 82 10.15 28.66 10.54
C VAL D 82 11.26 27.72 11.01
N ASP D 83 10.86 26.59 11.55
CA ASP D 83 11.78 25.60 12.08
C ASP D 83 11.41 24.23 11.54
N VAL D 84 12.34 23.29 11.67
CA VAL D 84 12.16 21.93 11.14
C VAL D 84 10.85 21.32 11.61
N THR D 85 10.38 21.72 12.80
CA THR D 85 9.09 21.25 13.30
C THR D 85 7.94 21.59 12.36
N ASP D 86 8.08 22.61 11.53
CA ASP D 86 7.01 23.03 10.63
C ASP D 86 6.99 22.28 9.31
N ASP D 87 7.91 21.33 9.11
CA ASP D 87 7.94 20.54 7.89
C ASP D 87 6.71 19.65 7.82
N GLY D 88 5.93 19.80 6.74
CA GLY D 88 4.73 19.01 6.55
C GLY D 88 3.79 19.60 5.53
N PRO D 89 2.68 18.90 5.27
CA PRO D 89 1.71 19.39 4.29
C PRO D 89 0.70 20.35 4.88
N TYR D 90 0.58 21.53 4.28
CA TYR D 90 -0.37 22.55 4.71
C TYR D 90 -1.50 22.64 3.70
N THR D 91 -2.74 22.58 4.18
CA THR D 91 -3.92 22.49 3.32
C THR D 91 -4.85 23.66 3.62
N CYS D 92 -5.26 24.37 2.57
CA CYS D 92 -6.20 25.48 2.65
C CYS D 92 -7.52 25.05 2.03
N SER D 93 -8.56 24.98 2.86
CA SER D 93 -9.87 24.47 2.41
C SER D 93 -10.81 25.65 2.19
N VAL D 94 -10.84 26.15 0.96
CA VAL D 94 -11.82 27.15 0.58
C VAL D 94 -13.18 26.50 0.45
N GLN D 95 -14.18 27.08 1.09
CA GLN D 95 -15.52 26.49 1.16
C GLN D 95 -16.46 27.25 0.24
N THR D 96 -16.70 26.69 -0.94
CA THR D 96 -17.63 27.27 -1.91
C THR D 96 -18.98 26.59 -1.79
N GLN D 97 -20.05 27.34 -2.08
CA GLN D 97 -21.40 26.82 -1.94
C GLN D 97 -21.62 25.61 -2.84
N HIS D 98 -21.03 25.62 -4.04
CA HIS D 98 -21.21 24.49 -4.96
C HIS D 98 -20.36 23.29 -4.53
N THR D 99 -19.04 23.42 -4.62
CA THR D 99 -18.11 22.36 -4.25
C THR D 99 -16.90 22.96 -3.57
N PRO D 100 -16.36 22.30 -2.54
CA PRO D 100 -15.18 22.84 -1.86
C PRO D 100 -13.94 22.73 -2.72
N ARG D 101 -13.03 23.68 -2.53
CA ARG D 101 -11.76 23.69 -3.24
C ARG D 101 -10.62 23.57 -2.23
N THR D 102 -9.48 23.04 -2.71
CA THR D 102 -8.34 22.76 -1.85
C THR D 102 -7.06 23.14 -2.56
N MET D 103 -6.17 23.85 -1.85
CA MET D 103 -4.87 24.27 -2.38
C MET D 103 -3.81 23.85 -1.37
N GLN D 104 -3.40 22.59 -1.44
CA GLN D 104 -2.42 22.03 -0.52
C GLN D 104 -1.02 22.52 -0.84
N VAL D 105 -0.22 22.73 0.20
CA VAL D 105 1.16 23.21 0.09
C VAL D 105 2.04 22.35 0.97
N HIS D 106 3.09 21.78 0.38
CA HIS D 106 4.08 21.00 1.11
C HIS D 106 5.26 21.90 1.46
N LEU D 107 5.45 22.17 2.74
CA LEU D 107 6.49 23.06 3.22
C LEU D 107 7.68 22.24 3.70
N THR D 108 8.85 22.49 3.13
CA THR D 108 10.09 21.82 3.52
C THR D 108 11.08 22.85 4.04
N VAL D 109 11.62 22.60 5.22
CA VAL D 109 12.54 23.52 5.89
C VAL D 109 13.96 23.00 5.73
N GLN D 110 14.87 23.90 5.34
CA GLN D 110 16.26 23.55 5.10
C GLN D 110 17.13 24.06 6.23
N VAL D 111 18.11 23.24 6.62
CA VAL D 111 19.13 23.61 7.59
C VAL D 111 20.47 23.60 6.85
N PRO D 112 21.17 24.73 6.76
CA PRO D 112 22.45 24.72 6.06
C PRO D 112 23.45 23.83 6.80
N PRO D 113 24.44 23.29 6.08
CA PRO D 113 25.37 22.36 6.72
C PRO D 113 26.31 23.05 7.68
N LYS D 114 26.72 22.32 8.71
CA LYS D 114 27.66 22.82 9.71
C LYS D 114 28.70 21.73 9.96
N ILE D 115 29.94 21.97 9.52
CA ILE D 115 31.01 21.00 9.75
C ILE D 115 31.29 20.94 11.24
N TYR D 116 31.11 19.76 11.83
CA TYR D 116 31.34 19.58 13.26
C TYR D 116 32.67 18.92 13.58
N ASP D 117 33.51 18.63 12.57
CA ASP D 117 34.82 18.05 12.82
C ASP D 117 35.73 18.28 11.64
N ILE D 118 36.94 18.75 11.91
CA ILE D 118 37.98 18.98 10.90
C ILE D 118 39.32 18.62 11.50
N SER D 119 40.14 17.93 10.71
CA SER D 119 41.50 17.65 11.12
C SER D 119 42.25 18.95 11.35
N ASN D 120 42.88 19.06 12.50
CA ASN D 120 43.62 20.27 12.85
C ASN D 120 44.81 20.46 11.92
N ASP D 121 45.26 21.71 11.83
CA ASP D 121 46.49 22.01 11.10
C ASP D 121 47.63 21.16 11.65
N MET D 122 48.25 20.38 10.78
CA MET D 122 49.29 19.45 11.20
C MET D 122 50.39 19.39 10.14
N THR D 123 51.62 19.13 10.61
CA THR D 123 52.78 18.99 9.75
C THR D 123 53.28 17.56 9.85
N VAL D 124 53.37 16.87 8.72
CA VAL D 124 53.81 15.49 8.66
C VAL D 124 55.02 15.40 7.73
N ASN D 125 55.85 14.40 7.97
CA ASN D 125 57.05 14.22 7.17
C ASN D 125 56.71 13.65 5.80
N GLU D 126 57.68 13.75 4.89
CA GLU D 126 57.49 13.29 3.52
C GLU D 126 57.41 11.77 3.47
N GLY D 127 56.74 11.27 2.42
CA GLY D 127 56.64 9.85 2.17
C GLY D 127 55.64 9.09 3.01
N THR D 128 55.13 9.69 4.09
CA THR D 128 54.20 9.01 4.96
C THR D 128 52.80 8.98 4.35
N ASN D 129 51.93 8.17 4.95
CA ASN D 129 50.52 8.14 4.60
C ASN D 129 49.76 9.01 5.59
N VAL D 130 48.88 9.88 5.08
CA VAL D 130 48.10 10.78 5.91
C VAL D 130 46.64 10.66 5.51
N THR D 131 45.75 10.88 6.48
CA THR D 131 44.32 10.83 6.27
C THR D 131 43.69 12.11 6.82
N LEU D 132 42.89 12.78 5.99
CA LEU D 132 42.18 13.98 6.38
C LEU D 132 40.70 13.69 6.53
N THR D 133 40.11 14.19 7.62
CA THR D 133 38.72 13.91 7.96
C THR D 133 37.91 15.20 7.99
N CYS D 134 36.68 15.13 7.49
CA CYS D 134 35.77 16.27 7.51
C CYS D 134 34.35 15.74 7.66
N LEU D 135 33.73 15.98 8.80
CA LEU D 135 32.38 15.50 9.10
C LEU D 135 31.45 16.68 9.31
N ALA D 136 30.24 16.57 8.78
CA ALA D 136 29.26 17.65 8.88
C ALA D 136 27.87 17.07 9.10
N THR D 137 26.96 17.94 9.55
CA THR D 137 25.56 17.58 9.76
C THR D 137 24.68 18.71 9.24
N GLY D 138 23.43 18.38 8.95
CA GLY D 138 22.50 19.37 8.45
C GLY D 138 21.25 18.69 7.90
N LYS D 139 20.40 19.51 7.30
CA LYS D 139 19.17 19.03 6.67
C LYS D 139 19.03 19.67 5.30
N PRO D 140 19.15 18.91 4.20
CA PRO D 140 19.40 17.47 4.20
C PRO D 140 20.85 17.14 4.53
N GLU D 141 21.15 15.84 4.63
CA GLU D 141 22.49 15.41 5.00
C GLU D 141 23.50 15.93 3.98
N PRO D 142 24.48 16.73 4.39
CA PRO D 142 25.43 17.30 3.43
C PRO D 142 26.38 16.25 2.88
N SER D 143 27.03 16.61 1.78
CA SER D 143 28.03 15.77 1.14
C SER D 143 29.39 16.46 1.24
N ILE D 144 30.37 15.74 1.79
CA ILE D 144 31.70 16.30 2.00
C ILE D 144 32.53 16.10 0.73
N SER D 145 33.15 17.18 0.27
CA SER D 145 34.06 17.14 -0.86
C SER D 145 35.32 17.93 -0.54
N TRP D 146 36.47 17.41 -0.95
CA TRP D 146 37.76 18.03 -0.66
C TRP D 146 38.28 18.80 -1.87
N ARG D 147 39.36 19.54 -1.64
CA ARG D 147 39.95 20.39 -2.66
C ARG D 147 41.34 20.82 -2.22
N HIS D 148 42.27 20.86 -3.16
CA HIS D 148 43.61 21.40 -2.94
C HIS D 148 43.69 22.77 -3.58
N ILE D 149 44.26 23.74 -2.84
CA ILE D 149 44.25 25.13 -3.30
C ILE D 149 45.13 25.32 -4.53
N SER D 150 46.14 24.46 -4.72
CA SER D 150 47.07 24.65 -5.82
C SER D 150 46.36 24.43 -7.16
N PRO D 151 46.59 25.30 -8.15
CA PRO D 151 45.94 25.13 -9.45
C PRO D 151 46.41 23.90 -10.22
N SER D 152 47.44 23.21 -9.75
CA SER D 152 47.96 22.01 -10.42
C SER D 152 47.42 20.72 -9.82
N ALA D 153 46.44 20.80 -8.94
CA ALA D 153 45.84 19.64 -8.31
C ALA D 153 44.41 19.46 -8.79
N LYS D 154 44.03 18.21 -9.05
CA LYS D 154 42.69 17.91 -9.55
C LYS D 154 41.70 17.78 -8.40
N PRO D 155 40.44 18.17 -8.63
CA PRO D 155 39.42 17.98 -7.59
C PRO D 155 39.21 16.50 -7.32
N PHE D 156 39.15 16.15 -6.04
CA PHE D 156 39.06 14.75 -5.66
C PHE D 156 37.60 14.32 -5.55
N GLU D 157 37.39 13.00 -5.58
CA GLU D 157 36.05 12.45 -5.53
C GLU D 157 35.37 12.81 -4.21
N ASN D 158 34.05 12.92 -4.26
CA ASN D 158 33.27 13.24 -3.07
C ASN D 158 33.47 12.18 -1.99
N GLY D 159 33.67 12.63 -0.76
CA GLY D 159 33.88 11.74 0.37
C GLY D 159 34.24 12.53 1.61
N GLN D 160 33.91 11.98 2.78
CA GLN D 160 34.23 12.65 4.03
C GLN D 160 35.66 12.38 4.48
N TYR D 161 36.17 11.18 4.22
CA TYR D 161 37.54 10.82 4.55
C TYR D 161 38.41 10.92 3.31
N LEU D 162 39.51 11.64 3.41
CA LEU D 162 40.50 11.75 2.33
C LEU D 162 41.83 11.25 2.86
N ASP D 163 42.30 10.14 2.30
CA ASP D 163 43.55 9.51 2.71
C ASP D 163 44.57 9.62 1.58
N ILE D 164 45.76 10.11 1.92
CA ILE D 164 46.85 10.28 0.97
C ILE D 164 47.98 9.34 1.36
N TYR D 165 48.43 8.53 0.41
CA TYR D 165 49.51 7.58 0.62
C TYR D 165 50.78 8.07 -0.06
N GLY D 166 51.89 8.07 0.68
CA GLY D 166 53.15 8.55 0.15
C GLY D 166 53.10 10.01 -0.22
N ILE D 167 52.93 10.88 0.78
CA ILE D 167 52.78 12.30 0.52
C ILE D 167 54.12 12.90 0.11
N THR D 168 54.10 13.75 -0.91
CA THR D 168 55.30 14.35 -1.46
C THR D 168 55.44 15.80 -0.98
N ARG D 169 56.51 16.45 -1.44
CA ARG D 169 56.76 17.83 -1.02
C ARG D 169 55.75 18.79 -1.64
N ASP D 170 55.42 18.59 -2.92
CA ASP D 170 54.52 19.51 -3.61
C ASP D 170 53.05 19.30 -3.24
N GLN D 171 52.72 18.22 -2.53
CA GLN D 171 51.35 17.98 -2.12
C GLN D 171 50.94 18.78 -0.89
N ALA D 172 51.88 19.44 -0.22
CA ALA D 172 51.55 20.26 0.93
C ALA D 172 50.76 21.49 0.49
N GLY D 173 50.18 22.17 1.49
CA GLY D 173 49.36 23.34 1.26
C GLY D 173 48.08 23.26 2.05
N GLU D 174 47.12 24.09 1.67
CA GLU D 174 45.82 24.15 2.34
C GLU D 174 44.82 23.28 1.60
N TYR D 175 44.27 22.29 2.30
CA TYR D 175 43.20 21.46 1.77
C TYR D 175 41.88 22.00 2.31
N GLU D 176 40.98 22.37 1.39
CA GLU D 176 39.76 23.10 1.74
C GLU D 176 38.58 22.14 1.66
N CYS D 177 38.13 21.65 2.82
CA CYS D 177 36.91 20.86 2.86
C CYS D 177 35.71 21.75 2.62
N SER D 178 34.76 21.25 1.83
CA SER D 178 33.50 21.94 1.58
C SER D 178 32.36 20.96 1.85
N ALA D 179 31.63 21.20 2.94
CA ALA D 179 30.39 20.48 3.21
C ALA D 179 29.24 21.27 2.59
N GLU D 180 28.46 20.61 1.74
CA GLU D 180 27.42 21.31 1.01
C GLU D 180 26.19 20.44 0.85
N ASN D 181 25.03 21.08 1.02
CA ASN D 181 23.78 20.59 0.47
C ASN D 181 23.45 21.46 -0.73
N ASP D 182 22.84 20.85 -1.75
CA ASP D 182 22.66 21.56 -3.01
C ASP D 182 21.76 22.78 -2.86
N VAL D 183 20.87 22.77 -1.87
CA VAL D 183 19.84 23.80 -1.82
C VAL D 183 20.39 25.11 -1.22
N SER D 184 21.31 25.02 -0.26
CA SER D 184 21.67 26.20 0.52
C SER D 184 23.18 26.40 0.54
N PHE D 185 23.59 27.46 1.25
CA PHE D 185 24.98 27.86 1.31
C PHE D 185 25.84 26.75 1.89
N PRO D 186 27.03 26.50 1.35
CA PRO D 186 27.90 25.45 1.88
C PRO D 186 28.73 25.96 3.05
N ASP D 187 29.14 25.02 3.90
CA ASP D 187 30.05 25.29 5.00
C ASP D 187 31.46 24.89 4.57
N VAL D 188 32.38 25.85 4.59
CA VAL D 188 33.73 25.67 4.07
C VAL D 188 34.72 26.03 5.16
N ARG D 189 35.69 25.14 5.40
CA ARG D 189 36.79 25.44 6.29
C ARG D 189 38.07 24.82 5.74
N LYS D 190 39.18 25.48 6.01
CA LYS D 190 40.47 25.17 5.43
C LYS D 190 41.42 24.65 6.50
N VAL D 191 42.33 23.77 6.08
CA VAL D 191 43.37 23.23 6.96
C VAL D 191 44.68 23.20 6.19
N LYS D 192 45.72 23.79 6.76
CA LYS D 192 47.03 23.82 6.12
C LYS D 192 47.85 22.61 6.53
N VAL D 193 48.57 22.04 5.57
CA VAL D 193 49.42 20.87 5.79
C VAL D 193 50.84 21.22 5.38
N VAL D 194 51.80 20.84 6.21
CA VAL D 194 53.21 21.11 5.97
C VAL D 194 53.95 19.78 5.86
N VAL D 195 54.64 19.58 4.75
CA VAL D 195 55.42 18.37 4.51
C VAL D 195 56.89 18.68 4.76
N ASN D 196 57.51 17.90 5.64
CA ASN D 196 58.93 18.06 5.93
C ASN D 196 59.75 17.45 4.79
N PHE D 197 60.77 18.18 4.33
CA PHE D 197 61.48 17.86 3.11
C PHE D 197 62.97 17.93 3.34
N ALA D 198 63.70 16.89 2.91
CA ALA D 198 65.15 16.94 2.99
C ALA D 198 65.68 17.98 2.01
N PRO D 199 66.67 18.78 2.43
CA PRO D 199 67.10 19.91 1.59
C PRO D 199 67.95 19.46 0.42
N THR D 200 67.69 20.08 -0.73
CA THR D 200 68.45 19.81 -1.96
C THR D 200 68.74 21.14 -2.64
N ILE D 201 69.99 21.32 -3.07
CA ILE D 201 70.39 22.52 -3.78
C ILE D 201 69.98 22.39 -5.23
N GLN D 202 69.15 23.32 -5.72
CA GLN D 202 68.63 23.23 -7.07
C GLN D 202 69.67 23.66 -8.10
N GLU D 203 70.37 24.77 -7.85
CA GLU D 203 71.39 25.24 -8.79
C GLU D 203 72.39 26.11 -8.03
N ILE D 204 73.59 26.21 -8.59
CA ILE D 204 74.62 27.11 -8.10
C ILE D 204 75.32 27.74 -9.29
N LYS D 205 75.46 29.06 -9.27
CA LYS D 205 75.91 29.80 -10.44
C LYS D 205 76.70 31.03 -10.02
N SER D 206 77.85 31.22 -10.66
CA SER D 206 78.66 32.41 -10.40
C SER D 206 77.99 33.65 -10.99
N GLY D 207 78.19 34.79 -10.33
CA GLY D 207 77.61 36.03 -10.79
C GLY D 207 78.30 36.54 -12.03
N THR D 208 77.54 37.24 -12.87
CA THR D 208 78.03 37.77 -14.13
C THR D 208 79.20 38.74 -13.92
N LEU D 216 78.05 37.21 -6.77
CA LEU D 216 79.26 36.41 -6.90
C LEU D 216 78.91 34.92 -7.07
N ILE D 217 78.71 34.23 -5.95
CA ILE D 217 78.37 32.81 -5.96
C ILE D 217 76.98 32.66 -5.35
N ARG D 218 76.02 32.25 -6.15
CA ARG D 218 74.64 32.06 -5.71
C ARG D 218 74.33 30.58 -5.58
N CYS D 219 73.68 30.22 -4.47
CA CYS D 219 73.28 28.85 -4.19
C CYS D 219 71.80 28.82 -3.87
N GLU D 220 71.03 28.10 -4.69
CA GLU D 220 69.57 28.04 -4.56
C GLU D 220 69.15 26.62 -4.22
N GLY D 221 68.35 26.48 -3.16
CA GLY D 221 67.85 25.18 -2.76
C GLY D 221 66.58 25.32 -1.95
N ALA D 222 65.86 24.21 -1.81
CA ALA D 222 64.61 24.21 -1.09
C ALA D 222 64.59 23.06 -0.08
N GLY D 223 64.13 23.36 1.13
CA GLY D 223 64.05 22.37 2.18
C GLY D 223 63.06 22.77 3.24
N VAL D 224 62.50 21.76 3.91
CA VAL D 224 61.51 21.96 4.96
C VAL D 224 61.94 21.17 6.19
N PRO D 225 62.19 21.82 7.34
CA PRO D 225 62.08 23.26 7.55
C PRO D 225 63.21 24.04 6.87
N PRO D 226 62.96 25.32 6.58
CA PRO D 226 63.96 26.14 5.87
C PRO D 226 65.30 26.11 6.58
N PRO D 227 66.38 25.83 5.85
CA PRO D 227 67.69 25.64 6.50
C PRO D 227 68.56 26.88 6.48
N ALA D 228 69.61 26.86 7.31
CA ALA D 228 70.64 27.90 7.30
C ALA D 228 71.87 27.31 6.62
N PHE D 229 72.11 27.73 5.38
CA PHE D 229 73.16 27.13 4.57
C PHE D 229 74.54 27.46 5.14
N GLU D 230 75.44 26.50 5.03
CA GLU D 230 76.82 26.66 5.46
C GLU D 230 77.70 26.75 4.22
N TRP D 231 78.49 27.82 4.13
CA TRP D 231 79.43 28.00 3.02
C TRP D 231 80.77 27.37 3.39
N TYR D 232 81.23 26.44 2.57
CA TYR D 232 82.49 25.75 2.78
C TYR D 232 83.49 26.20 1.71
N LYS D 233 84.61 26.77 2.17
CA LYS D 233 85.72 27.15 1.29
C LYS D 233 86.85 26.16 1.49
N GLY D 234 87.21 25.45 0.42
CA GLY D 234 88.20 24.38 0.52
C GLY D 234 87.86 23.42 1.64
N GLU D 235 88.69 23.40 2.68
CA GLU D 235 88.43 22.52 3.81
C GLU D 235 87.36 23.08 4.74
N LYS D 236 87.43 24.38 5.05
CA LYS D 236 86.49 24.95 6.01
C LYS D 236 86.46 26.47 5.84
N LYS D 237 85.41 27.07 6.40
CA LYS D 237 85.19 28.51 6.29
C LYS D 237 84.19 28.95 7.37
N LEU D 238 84.34 30.19 7.83
CA LEU D 238 83.41 30.80 8.78
C LEU D 238 82.80 32.06 8.18
N PHE D 239 81.51 32.26 8.41
CA PHE D 239 80.77 33.34 7.78
C PHE D 239 81.10 34.69 8.42
N ASN D 240 81.11 35.73 7.57
CA ASN D 240 81.19 37.13 8.00
C ASN D 240 82.53 37.47 8.64
N GLY D 241 83.61 36.76 8.31
CA GLY D 241 84.88 37.01 8.98
C GLY D 241 86.06 36.43 8.26
N GLN D 242 87.23 37.03 8.49
CA GLN D 242 88.52 36.55 7.96
C GLN D 242 88.46 36.31 6.46
N GLN D 243 87.72 37.18 5.77
CA GLN D 243 87.58 37.07 4.33
C GLN D 243 87.36 38.46 3.76
N GLY D 244 87.40 38.57 2.43
CA GLY D 244 87.07 39.83 1.79
C GLY D 244 85.66 40.28 2.10
N ILE D 245 84.74 39.31 2.26
CA ILE D 245 83.30 39.54 2.23
C ILE D 245 82.57 38.81 3.34
N ILE D 246 81.28 39.13 3.42
CA ILE D 246 80.34 38.49 4.31
C ILE D 246 79.35 37.68 3.46
N ILE D 247 78.52 36.87 4.13
CA ILE D 247 77.54 36.03 3.47
C ILE D 247 76.17 36.68 3.58
N GLN D 248 75.39 36.62 2.50
CA GLN D 248 74.02 37.09 2.47
C GLN D 248 73.11 35.89 2.25
N ASN D 249 72.23 35.64 3.21
CA ASN D 249 71.41 34.43 3.21
C ASN D 249 69.94 34.79 3.03
N PHE D 250 69.32 34.23 1.99
CA PHE D 250 67.87 34.22 1.87
C PHE D 250 67.28 33.17 2.81
N SER D 251 65.95 33.08 2.80
CA SER D 251 65.31 31.97 3.51
C SER D 251 65.43 30.67 2.73
N THR D 252 65.53 30.76 1.40
CA THR D 252 65.66 29.59 0.55
C THR D 252 66.89 29.65 -0.37
N ARG D 253 67.72 30.68 -0.25
CA ARG D 253 68.91 30.76 -1.08
C ARG D 253 70.04 31.37 -0.29
N SER D 254 71.25 31.25 -0.81
CA SER D 254 72.43 31.84 -0.18
C SER D 254 73.29 32.48 -1.26
N ILE D 255 73.49 33.79 -1.16
CA ILE D 255 74.35 34.54 -2.07
C ILE D 255 75.54 35.05 -1.28
N LEU D 256 76.73 34.76 -1.76
CA LEU D 256 77.96 35.12 -1.07
C LEU D 256 78.57 36.35 -1.73
N THR D 257 78.87 37.37 -0.93
CA THR D 257 79.52 38.56 -1.45
C THR D 257 80.96 38.24 -1.83
N VAL D 258 81.53 39.02 -2.74
CA VAL D 258 82.91 38.85 -3.19
C VAL D 258 83.83 39.81 -2.47
N THR D 259 83.53 41.10 -2.60
CA THR D 259 84.17 42.21 -1.85
C THR D 259 85.68 42.18 -2.10
N ASN D 260 86.53 42.19 -1.05
CA ASN D 260 87.97 42.24 -1.32
C ASN D 260 88.43 41.07 -2.22
N VAL D 261 89.13 41.40 -3.32
CA VAL D 261 89.46 40.44 -4.37
C VAL D 261 90.96 40.19 -4.34
N THR D 262 91.34 38.97 -3.99
CA THR D 262 92.72 38.51 -4.11
C THR D 262 92.71 37.16 -4.80
N GLN D 263 93.85 36.81 -5.40
CA GLN D 263 93.97 35.50 -6.04
C GLN D 263 93.82 34.36 -5.05
N GLU D 264 94.24 34.58 -3.79
CA GLU D 264 94.12 33.54 -2.77
C GLU D 264 92.67 33.10 -2.60
N HIS D 265 91.72 34.03 -2.75
CA HIS D 265 90.31 33.68 -2.63
C HIS D 265 89.89 32.67 -3.69
N PHE D 266 90.60 32.62 -4.81
CA PHE D 266 90.26 31.65 -5.86
C PHE D 266 90.50 30.24 -5.38
N GLY D 267 89.59 29.34 -5.72
CA GLY D 267 89.67 27.97 -5.30
C GLY D 267 88.35 27.26 -5.52
N ASN D 268 88.28 26.03 -5.01
CA ASN D 268 87.08 25.21 -5.14
C ASN D 268 86.20 25.38 -3.92
N TYR D 269 84.93 25.72 -4.15
CA TYR D 269 83.96 25.99 -3.10
C TYR D 269 82.81 24.98 -3.20
N THR D 270 82.12 24.78 -2.07
CA THR D 270 80.99 23.88 -1.99
C THR D 270 79.88 24.53 -1.17
N CYS D 271 78.62 24.33 -1.59
CA CYS D 271 77.45 24.84 -0.88
C CYS D 271 76.82 23.71 -0.09
N VAL D 272 76.90 23.80 1.24
CA VAL D 272 76.32 22.80 2.12
C VAL D 272 75.03 23.36 2.71
N ALA D 273 73.91 22.73 2.38
CA ALA D 273 72.59 23.08 2.91
C ALA D 273 72.10 21.94 3.78
N ALA D 274 71.95 22.21 5.07
CA ALA D 274 71.59 21.19 6.05
C ALA D 274 70.41 21.66 6.89
N ASN D 275 69.46 20.75 7.11
CA ASN D 275 68.32 20.99 7.99
C ASN D 275 68.28 19.90 9.06
N LYS D 276 67.16 19.84 9.78
CA LYS D 276 66.99 18.81 10.80
C LYS D 276 66.86 17.41 10.20
N LEU D 277 66.49 17.31 8.93
CA LEU D 277 66.28 16.02 8.29
C LEU D 277 67.54 15.49 7.61
N GLY D 278 68.22 16.33 6.84
CA GLY D 278 69.40 15.87 6.13
C GLY D 278 70.29 17.03 5.72
N THR D 279 71.39 16.67 5.05
CA THR D 279 72.37 17.63 4.57
C THR D 279 72.79 17.24 3.16
N THR D 280 73.15 18.25 2.37
CA THR D 280 73.58 18.03 1.00
C THR D 280 74.61 19.10 0.63
N ASN D 281 75.47 18.76 -0.33
CA ASN D 281 76.51 19.68 -0.77
C ASN D 281 76.56 19.76 -2.29
N ALA D 282 76.92 20.95 -2.78
CA ALA D 282 77.07 21.21 -4.21
C ALA D 282 78.27 22.14 -4.38
N SER D 283 79.21 21.74 -5.25
CA SER D 283 80.46 22.45 -5.40
C SER D 283 80.44 23.34 -6.63
N LEU D 284 81.33 24.33 -6.62
CA LEU D 284 81.54 25.26 -7.73
C LEU D 284 82.92 25.89 -7.61
N PRO D 285 83.70 25.95 -8.68
CA PRO D 285 85.03 26.54 -8.59
C PRO D 285 84.99 28.05 -8.75
N LEU D 286 85.85 28.73 -8.00
CA LEU D 286 85.96 30.18 -8.08
C LEU D 286 87.33 30.66 -7.63
#